data_9EAF
#
_entry.id   9EAF
#
_cell.length_a   63.570
_cell.length_b   80.850
_cell.length_c   140.535
_cell.angle_alpha   90.000
_cell.angle_beta   90.000
_cell.angle_gamma   90.000
#
_symmetry.space_group_name_H-M   'P 21 21 21'
#
loop_
_entity.id
_entity.type
_entity.pdbx_description
1 polymer 'Carboxynorspermidine decarboxylase'
2 polymer HIS-HIS-HIS-SER-SER-GLY-LEU-VAL
3 non-polymer 'POTASSIUM ION'
4 non-polymer GLYCEROL
5 non-polymer 'PHOSPHATE ION'
6 water water
#
loop_
_entity_poly.entity_id
_entity_poly.type
_entity_poly.pdbx_seq_one_letter_code
_entity_poly.pdbx_strand_id
1 'polypeptide(L)'
;MELPFSSLQTPCYVVDEALLERNLVILKQVIDRTGCKILLAQ(LLP)AFSMFACYPLIGSYLNGTTASGLFEARLGKEEM
GGETHIFSPAYREDEIDEILSLCDHVIFNSFSQWEKYKAKVLASGKSAGLRLNPEHSTQDHAIYDPCSPGSRLGITLKKF
RPDLLDGIEGLHFHTLCEQDAAPLVETVAVVEEKFGPWLSQMKWLNFGGGHHITRPGYDIDALVSCVSRVQERYGVQVYL
EPGEAVALNAGFLVSTVLDVLENSGNIAVLDTSAACHMPDVLEMPYRPPIAGGGGLGEKAYDYRLGGPTCLAGDVIGDYS
FDEPLSPGSRVVFCDMAIYSMVKNNTFNGMNLPAIYLKKQDGSIQLVRKFGYEDFKTRLS
;
A,B
2 'polypeptide(L)' HHHSSGLV C,D
#
# COMPACT_ATOMS: atom_id res chain seq x y z
N GLN A 9 22.66 -5.85 4.00
CA GLN A 9 21.89 -6.25 2.82
C GLN A 9 20.77 -5.25 2.56
N THR A 10 20.91 -4.46 1.49
CA THR A 10 19.94 -3.43 1.17
C THR A 10 18.96 -3.90 0.11
N PRO A 11 17.75 -3.32 0.09
CA PRO A 11 17.25 -2.30 1.02
C PRO A 11 16.92 -2.90 2.38
N CYS A 12 17.00 -2.14 3.46
CA CYS A 12 16.69 -2.68 4.78
C CYS A 12 16.27 -1.55 5.71
N TYR A 13 15.31 -1.84 6.58
CA TYR A 13 14.99 -0.96 7.68
C TYR A 13 15.93 -1.27 8.84
N VAL A 14 16.33 -0.22 9.56
CA VAL A 14 17.17 -0.35 10.75
C VAL A 14 16.53 0.50 11.84
N VAL A 15 16.10 -0.14 12.92
CA VAL A 15 15.55 0.57 14.07
C VAL A 15 16.63 0.60 15.15
N ASP A 16 16.79 1.76 15.78
CA ASP A 16 17.87 2.03 16.70
C ASP A 16 17.31 2.09 18.12
N GLU A 17 17.73 1.16 18.97
CA GLU A 17 17.21 1.10 20.34
C GLU A 17 17.50 2.39 21.10
N ALA A 18 18.68 2.98 20.91
CA ALA A 18 18.99 4.20 21.65
C ALA A 18 18.03 5.33 21.30
N LEU A 19 17.62 5.40 20.02
CA LEU A 19 16.69 6.43 19.60
C LEU A 19 15.28 6.12 20.08
N LEU A 20 14.89 4.84 20.06
CA LEU A 20 13.63 4.45 20.70
C LEU A 20 13.62 4.85 22.17
N GLU A 21 14.73 4.59 22.87
CA GLU A 21 14.78 4.88 24.30
C GLU A 21 14.68 6.38 24.57
N ARG A 22 15.29 7.21 23.72
CA ARG A 22 15.14 8.65 23.86
C ARG A 22 13.67 9.06 23.87
N ASN A 23 12.86 8.44 22.99
CA ASN A 23 11.43 8.74 22.99
C ASN A 23 10.75 8.16 24.22
N LEU A 24 11.06 6.90 24.54
CA LEU A 24 10.44 6.24 25.69
C LEU A 24 10.72 6.97 27.00
N VAL A 25 11.92 7.54 27.15
CA VAL A 25 12.25 8.28 28.36
C VAL A 25 11.29 9.45 28.57
N ILE A 26 10.93 10.15 27.49
CA ILE A 26 9.99 11.27 27.58
C ILE A 26 8.61 10.76 27.99
N LEU A 27 8.16 9.68 27.36
CA LEU A 27 6.86 9.13 27.70
C LEU A 27 6.82 8.67 29.16
N LYS A 28 7.91 8.08 29.64
CA LYS A 28 7.99 7.68 31.05
C LYS A 28 7.97 8.90 31.97
N GLN A 29 8.58 10.01 31.55
CA GLN A 29 8.47 11.25 32.33
C GLN A 29 7.01 11.62 32.55
N VAL A 30 6.20 11.56 31.49
CA VAL A 30 4.79 11.92 31.61
C VAL A 30 4.08 10.98 32.56
N ILE A 31 4.34 9.68 32.45
CA ILE A 31 3.76 8.71 33.38
C ILE A 31 4.13 9.05 34.81
N ASP A 32 5.42 9.27 35.06
CA ASP A 32 5.89 9.47 36.42
C ASP A 32 5.39 10.78 37.02
N ARG A 33 5.20 11.80 36.19
CA ARG A 33 4.75 13.09 36.70
C ARG A 33 3.24 13.17 36.91
N THR A 34 2.46 12.27 36.29
CA THR A 34 1.00 12.35 36.37
C THR A 34 0.34 11.15 37.01
N GLY A 35 0.97 9.98 36.98
CA GLY A 35 0.24 8.76 37.30
C GLY A 35 -0.69 8.30 36.20
N CYS A 36 -0.62 8.90 35.02
CA CYS A 36 -1.35 8.36 33.88
C CYS A 36 -0.68 7.08 33.41
N LYS A 37 -1.31 6.44 32.43
CA LYS A 37 -0.75 5.27 31.76
C LYS A 37 -0.63 5.60 30.28
N ILE A 38 0.36 5.00 29.62
CA ILE A 38 0.62 5.25 28.21
C ILE A 38 0.77 3.92 27.50
N LEU A 39 0.07 3.78 26.38
CA LEU A 39 0.07 2.57 25.56
C LEU A 39 0.66 2.90 24.19
N LEU A 40 1.33 1.92 23.60
CA LEU A 40 1.74 2.02 22.20
C LEU A 40 0.54 1.78 21.30
N ALA A 41 0.24 2.73 20.43
CA ALA A 41 -0.73 2.52 19.36
C ALA A 41 0.00 1.78 18.23
N GLN A 42 -0.27 0.49 18.11
CA GLN A 42 0.49 -0.37 17.24
C GLN A 42 0.35 -0.04 15.75
N ALA A 44 0.98 2.46 14.18
CA ALA A 44 2.15 3.23 13.73
C ALA A 44 3.41 2.38 13.67
N PHE A 45 3.50 1.40 14.55
CA PHE A 45 4.77 0.71 14.80
C PHE A 45 4.43 -0.59 15.50
N SER A 46 4.65 -1.71 14.81
CA SER A 46 4.34 -3.03 15.32
C SER A 46 5.56 -3.95 15.27
N MET A 47 6.75 -3.37 15.35
CA MET A 47 7.97 -4.17 15.24
C MET A 47 8.21 -4.85 16.58
N PHE A 48 7.70 -6.07 16.69
CA PHE A 48 7.60 -6.73 17.99
C PHE A 48 8.94 -7.20 18.54
N ALA A 49 10.01 -7.21 17.73
CA ALA A 49 11.34 -7.39 18.29
C ALA A 49 11.65 -6.33 19.34
N CYS A 50 10.98 -5.18 19.28
CA CYS A 50 11.19 -4.08 20.21
C CYS A 50 10.14 -4.02 21.31
N TYR A 51 9.19 -4.94 21.34
CA TYR A 51 8.08 -4.80 22.29
C TYR A 51 8.53 -4.94 23.74
N PRO A 52 9.38 -5.91 24.08
CA PRO A 52 9.86 -5.98 25.47
C PRO A 52 10.52 -4.71 25.94
N LEU A 53 11.37 -4.10 25.10
CA LEU A 53 11.99 -2.83 25.46
C LEU A 53 10.93 -1.75 25.68
N ILE A 54 9.99 -1.62 24.74
CA ILE A 54 8.94 -0.61 24.88
C ILE A 54 8.12 -0.87 26.14
N GLY A 55 7.81 -2.14 26.41
CA GLY A 55 7.00 -2.49 27.57
C GLY A 55 7.68 -2.22 28.89
N SER A 56 9.01 -2.05 28.89
CA SER A 56 9.71 -1.71 30.12
C SER A 56 9.54 -0.24 30.49
N TYR A 57 9.03 0.58 29.58
CA TYR A 57 8.71 1.98 29.84
C TYR A 57 7.22 2.26 29.85
N LEU A 58 6.46 1.62 28.96
CA LEU A 58 5.04 1.90 28.79
C LEU A 58 4.21 0.84 29.49
N ASN A 59 2.89 1.04 29.48
CA ASN A 59 1.96 0.20 30.22
C ASN A 59 1.32 -0.89 29.37
N GLY A 60 1.55 -0.90 28.07
CA GLY A 60 0.96 -1.90 27.20
C GLY A 60 0.74 -1.33 25.82
N THR A 61 -0.27 -1.89 25.14
CA THR A 61 -0.58 -1.54 23.76
C THR A 61 -2.06 -1.28 23.62
N THR A 62 -2.41 -0.53 22.57
CA THR A 62 -3.76 -0.57 22.04
C THR A 62 -3.72 -1.09 20.62
N ALA A 63 -4.89 -1.43 20.11
CA ALA A 63 -5.04 -2.22 18.90
C ALA A 63 -6.22 -1.71 18.11
N SER A 64 -6.15 -1.92 16.79
CA SER A 64 -7.22 -1.60 15.85
C SER A 64 -8.10 -2.80 15.55
N GLY A 65 -7.76 -3.97 16.08
CA GLY A 65 -8.47 -5.19 15.73
C GLY A 65 -7.82 -6.37 16.41
N LEU A 66 -8.33 -7.57 16.07
CA LEU A 66 -7.88 -8.79 16.74
C LEU A 66 -6.38 -9.02 16.58
N PHE A 67 -5.85 -8.81 15.36
CA PHE A 67 -4.46 -9.17 15.12
C PHE A 67 -3.50 -8.31 15.95
N GLU A 68 -3.72 -6.99 15.97
CA GLU A 68 -2.89 -6.13 16.81
C GLU A 68 -3.05 -6.48 18.28
N ALA A 69 -4.27 -6.80 18.71
CA ALA A 69 -4.47 -7.16 20.11
C ALA A 69 -3.68 -8.41 20.47
N ARG A 70 -3.72 -9.43 19.61
CA ARG A 70 -2.97 -10.66 19.88
C ARG A 70 -1.47 -10.37 19.91
N LEU A 71 -0.99 -9.54 18.99
CA LEU A 71 0.43 -9.23 18.95
C LEU A 71 0.86 -8.52 20.22
N GLY A 72 0.09 -7.51 20.65
CA GLY A 72 0.43 -6.80 21.86
C GLY A 72 0.42 -7.71 23.08
N LYS A 73 -0.63 -8.50 23.21
CA LYS A 73 -0.75 -9.41 24.34
C LYS A 73 0.43 -10.37 24.39
N GLU A 74 0.77 -10.99 23.25
CA GLU A 74 1.74 -12.07 23.24
C GLU A 74 3.18 -11.57 23.23
N GLU A 75 3.45 -10.42 22.62
CA GLU A 75 4.82 -9.96 22.45
C GLU A 75 5.22 -8.85 23.42
N MET A 76 4.28 -8.10 23.97
CA MET A 76 4.59 -7.12 25.00
C MET A 76 4.03 -7.47 26.36
N GLY A 77 2.82 -7.99 26.42
CA GLY A 77 2.17 -8.11 27.71
C GLY A 77 1.76 -6.74 28.22
N GLY A 78 1.72 -6.60 29.53
CA GLY A 78 1.13 -5.40 30.10
C GLY A 78 -0.37 -5.40 29.85
N GLU A 79 -0.91 -4.20 29.68
CA GLU A 79 -2.33 -4.05 29.35
C GLU A 79 -2.51 -4.11 27.84
N THR A 80 -3.63 -4.69 27.42
CA THR A 80 -3.96 -4.87 26.02
C THR A 80 -5.35 -4.28 25.79
N HIS A 81 -5.39 -3.11 25.14
CA HIS A 81 -6.62 -2.40 24.84
C HIS A 81 -6.95 -2.56 23.35
N ILE A 82 -8.21 -2.33 23.01
CA ILE A 82 -8.64 -2.42 21.61
C ILE A 82 -9.77 -1.43 21.36
N PHE A 83 -9.78 -0.88 20.14
CA PHE A 83 -10.92 -0.15 19.61
C PHE A 83 -11.11 -0.57 18.16
N SER A 84 -12.37 -0.70 17.73
CA SER A 84 -12.68 -0.94 16.34
CA SER A 84 -12.68 -0.94 16.34
C SER A 84 -13.97 -0.21 15.99
N PRO A 85 -14.07 0.33 14.77
CA PRO A 85 -15.35 0.90 14.34
C PRO A 85 -16.46 -0.12 14.32
N ALA A 86 -16.15 -1.39 14.05
CA ALA A 86 -17.15 -2.44 14.11
C ALA A 86 -16.44 -3.78 14.28
N TYR A 87 -16.77 -4.49 15.35
CA TYR A 87 -16.17 -5.79 15.60
C TYR A 87 -16.88 -6.87 14.80
N ARG A 88 -16.13 -7.92 14.45
CA ARG A 88 -16.68 -9.08 13.79
C ARG A 88 -17.22 -10.06 14.82
N GLU A 89 -18.42 -10.59 14.57
CA GLU A 89 -18.99 -11.58 15.49
C GLU A 89 -18.04 -12.77 15.65
N ASP A 90 -17.35 -13.16 14.58
CA ASP A 90 -16.48 -14.33 14.63
C ASP A 90 -15.16 -14.06 15.34
N GLU A 91 -14.94 -12.85 15.86
CA GLU A 91 -13.71 -12.53 16.57
C GLU A 91 -13.93 -12.03 17.99
N ILE A 92 -15.16 -11.69 18.38
CA ILE A 92 -15.36 -10.99 19.65
C ILE A 92 -14.92 -11.86 20.82
N ASP A 93 -15.15 -13.18 20.74
CA ASP A 93 -14.81 -14.05 21.86
C ASP A 93 -13.31 -14.05 22.11
N GLU A 94 -12.50 -14.18 21.04
CA GLU A 94 -11.06 -14.15 21.22
C GLU A 94 -10.58 -12.77 21.67
N ILE A 95 -11.19 -11.71 21.15
CA ILE A 95 -10.84 -10.36 21.58
C ILE A 95 -11.05 -10.20 23.08
N LEU A 96 -12.18 -10.69 23.60
CA LEU A 96 -12.45 -10.56 25.02
C LEU A 96 -11.52 -11.40 25.87
N SER A 97 -10.97 -12.49 25.33
CA SER A 97 -9.97 -13.24 26.07
CA SER A 97 -9.97 -13.24 26.07
C SER A 97 -8.65 -12.48 26.15
N LEU A 98 -8.25 -11.87 25.04
CA LEU A 98 -6.94 -11.23 24.96
C LEU A 98 -6.90 -9.86 25.64
N CYS A 99 -8.00 -9.11 25.61
CA CYS A 99 -7.98 -7.71 25.97
C CYS A 99 -8.57 -7.48 27.36
N ASP A 100 -8.03 -6.46 28.03
CA ASP A 100 -8.54 -6.04 29.32
C ASP A 100 -9.41 -4.80 29.24
N HIS A 101 -9.28 -4.02 28.17
CA HIS A 101 -10.16 -2.88 27.91
C HIS A 101 -10.61 -2.97 26.45
N VAL A 102 -11.92 -2.81 26.22
CA VAL A 102 -12.51 -2.97 24.89
C VAL A 102 -13.41 -1.77 24.64
N ILE A 103 -13.13 -1.02 23.57
CA ILE A 103 -13.82 0.23 23.27
C ILE A 103 -14.73 0.02 22.06
N PHE A 104 -15.99 0.42 22.22
CA PHE A 104 -16.98 0.29 21.15
C PHE A 104 -17.25 1.64 20.50
N ASN A 105 -17.63 1.59 19.22
CA ASN A 105 -17.76 2.79 18.41
C ASN A 105 -19.16 3.38 18.38
N SER A 106 -20.16 2.63 18.84
CA SER A 106 -21.54 3.06 18.73
C SER A 106 -22.35 2.33 19.79
N PHE A 107 -23.54 2.86 20.06
CA PHE A 107 -24.41 2.17 21.01
C PHE A 107 -24.94 0.87 20.46
N SER A 108 -25.13 0.77 19.14
CA SER A 108 -25.53 -0.50 18.56
CA SER A 108 -25.53 -0.50 18.56
C SER A 108 -24.46 -1.57 18.79
N GLN A 109 -23.19 -1.21 18.62
CA GLN A 109 -22.11 -2.15 18.87
C GLN A 109 -22.06 -2.55 20.33
N TRP A 110 -22.14 -1.59 21.24
CA TRP A 110 -22.12 -1.89 22.67
C TRP A 110 -23.26 -2.84 23.04
N GLU A 111 -24.48 -2.53 22.61
CA GLU A 111 -25.60 -3.38 23.00
C GLU A 111 -25.49 -4.76 22.38
N LYS A 112 -24.92 -4.86 21.17
CA LYS A 112 -24.77 -6.17 20.55
C LYS A 112 -23.87 -7.08 21.37
N TYR A 113 -22.80 -6.53 21.94
CA TYR A 113 -21.78 -7.33 22.61
C TYR A 113 -21.79 -7.21 24.12
N LYS A 114 -22.73 -6.43 24.69
CA LYS A 114 -22.71 -6.15 26.12
C LYS A 114 -22.76 -7.41 26.96
N ALA A 115 -23.63 -8.36 26.61
CA ALA A 115 -23.75 -9.57 27.42
C ALA A 115 -22.43 -10.34 27.46
N LYS A 116 -21.77 -10.50 26.31
CA LYS A 116 -20.47 -11.17 26.30
C LYS A 116 -19.44 -10.39 27.10
N VAL A 117 -19.44 -9.07 26.99
CA VAL A 117 -18.48 -8.26 27.73
C VAL A 117 -18.66 -8.47 29.23
N LEU A 118 -19.90 -8.40 29.71
CA LEU A 118 -20.13 -8.56 31.15
C LEU A 118 -19.69 -9.94 31.63
N ALA A 119 -19.99 -10.97 30.86
CA ALA A 119 -19.58 -12.32 31.24
C ALA A 119 -18.06 -12.46 31.27
N SER A 120 -17.36 -11.71 30.40
CA SER A 120 -15.91 -11.80 30.33
C SER A 120 -15.22 -11.08 31.49
N GLY A 121 -15.90 -10.13 32.12
CA GLY A 121 -15.31 -9.33 33.19
C GLY A 121 -14.34 -8.26 32.73
N LYS A 122 -14.18 -8.05 31.43
CA LYS A 122 -13.27 -7.03 30.94
C LYS A 122 -13.97 -5.67 30.95
N SER A 123 -13.17 -4.61 30.81
CA SER A 123 -13.63 -3.25 31.03
C SER A 123 -14.04 -2.62 29.70
N ALA A 124 -15.29 -2.19 29.61
CA ALA A 124 -15.85 -1.68 28.37
C ALA A 124 -15.81 -0.16 28.33
N GLY A 125 -15.55 0.38 27.12
CA GLY A 125 -15.56 1.81 26.91
C GLY A 125 -16.30 2.16 25.64
N LEU A 126 -16.56 3.46 25.48
CA LEU A 126 -17.15 4.00 24.27
C LEU A 126 -16.25 5.10 23.71
N ARG A 127 -16.15 5.17 22.39
CA ARG A 127 -15.44 6.27 21.75
C ARG A 127 -16.40 7.42 21.50
N LEU A 128 -15.99 8.61 21.91
CA LEU A 128 -16.76 9.84 21.73
C LEU A 128 -16.21 10.60 20.54
N ASN A 129 -17.10 11.24 19.80
CA ASN A 129 -16.74 12.22 18.78
C ASN A 129 -17.14 13.58 19.33
N PRO A 130 -16.21 14.36 19.88
CA PRO A 130 -16.59 15.66 20.45
C PRO A 130 -16.88 16.72 19.41
N GLU A 131 -16.74 16.40 18.12
CA GLU A 131 -17.02 17.35 17.05
C GLU A 131 -16.27 18.66 17.26
N HIS A 132 -15.01 18.55 17.66
CA HIS A 132 -14.13 19.70 17.81
C HIS A 132 -12.93 19.45 16.90
N SER A 133 -13.04 19.93 15.67
CA SER A 133 -12.00 19.71 14.68
C SER A 133 -10.86 20.68 14.92
N THR A 134 -9.65 20.14 15.13
CA THR A 134 -8.46 20.95 15.26
C THR A 134 -7.42 20.64 14.19
N GLN A 135 -7.73 19.74 13.27
CA GLN A 135 -6.85 19.44 12.14
C GLN A 135 -7.32 20.26 10.93
N ASP A 136 -7.51 19.68 9.75
CA ASP A 136 -7.89 20.42 8.55
C ASP A 136 -9.34 20.21 8.15
N HIS A 137 -10.15 19.58 9.00
CA HIS A 137 -11.57 19.47 8.74
C HIS A 137 -11.82 18.71 7.43
N TYR A 140 -9.34 13.17 6.82
CA TYR A 140 -8.41 12.55 7.77
C TYR A 140 -8.64 13.04 9.21
N ASP A 141 -9.57 13.97 9.38
CA ASP A 141 -9.87 14.55 10.69
C ASP A 141 -11.03 13.77 11.30
N PRO A 142 -10.83 13.06 12.41
CA PRO A 142 -11.94 12.25 12.98
C PRO A 142 -13.13 13.07 13.47
N CYS A 143 -12.99 14.39 13.58
CA CYS A 143 -14.09 15.25 14.02
C CYS A 143 -14.74 16.00 12.88
N SER A 144 -14.33 15.75 11.64
CA SER A 144 -14.97 16.39 10.51
CA SER A 144 -14.97 16.39 10.51
C SER A 144 -16.43 15.93 10.41
N PRO A 145 -17.31 16.75 9.85
CA PRO A 145 -18.70 16.33 9.66
C PRO A 145 -18.76 15.02 8.89
N GLY A 146 -19.65 14.13 9.32
CA GLY A 146 -19.82 12.85 8.66
C GLY A 146 -18.85 11.76 9.08
N SER A 147 -17.97 12.03 10.04
CA SER A 147 -17.02 11.02 10.50
C SER A 147 -17.76 9.79 11.03
N ARG A 148 -17.22 8.61 10.71
CA ARG A 148 -17.77 7.36 11.22
C ARG A 148 -17.18 6.96 12.55
N LEU A 149 -16.30 7.77 13.13
CA LEU A 149 -15.54 7.40 14.31
C LEU A 149 -16.07 8.13 15.55
N GLY A 150 -16.55 7.36 16.51
CA GLY A 150 -17.01 7.91 17.77
C GLY A 150 -18.46 8.35 17.74
N ILE A 151 -19.01 8.53 18.94
CA ILE A 151 -20.41 8.87 19.15
C ILE A 151 -20.51 10.37 19.40
N THR A 152 -21.34 11.04 18.61
CA THR A 152 -21.58 12.47 18.82
C THR A 152 -22.58 12.66 19.95
N LEU A 153 -22.56 13.87 20.53
CA LEU A 153 -23.45 14.17 21.65
C LEU A 153 -24.92 13.92 21.28
N LYS A 154 -25.32 14.35 20.08
CA LYS A 154 -26.70 14.18 19.65
C LYS A 154 -27.13 12.71 19.65
N LYS A 155 -26.17 11.80 19.51
CA LYS A 155 -26.44 10.37 19.47
C LYS A 155 -26.16 9.67 20.78
N PHE A 156 -25.75 10.41 21.81
CA PHE A 156 -25.33 9.81 23.05
C PHE A 156 -26.54 9.36 23.86
N ARG A 157 -26.43 8.17 24.47
CA ARG A 157 -27.54 7.52 25.18
C ARG A 157 -27.15 7.30 26.63
N PRO A 158 -27.37 8.28 27.51
CA PRO A 158 -27.03 8.07 28.93
C PRO A 158 -27.78 6.93 29.57
N ASP A 159 -28.96 6.59 29.04
CA ASP A 159 -29.74 5.49 29.61
C ASP A 159 -29.11 4.13 29.32
N LEU A 160 -28.10 4.07 28.45
CA LEU A 160 -27.49 2.80 28.06
C LEU A 160 -26.05 2.67 28.58
N LEU A 161 -25.68 3.44 29.59
CA LEU A 161 -24.30 3.46 30.08
C LEU A 161 -24.04 2.45 31.19
N ASP A 162 -25.03 1.69 31.64
CA ASP A 162 -24.77 0.65 32.62
C ASP A 162 -23.75 -0.34 32.04
N GLY A 163 -22.66 -0.55 32.76
CA GLY A 163 -21.60 -1.42 32.32
C GLY A 163 -20.45 -0.73 31.61
N ILE A 164 -20.59 0.54 31.27
CA ILE A 164 -19.51 1.29 30.65
C ILE A 164 -18.60 1.83 31.74
N GLU A 165 -17.31 1.54 31.63
CA GLU A 165 -16.31 1.98 32.59
C GLU A 165 -15.36 3.03 32.03
N GLY A 166 -15.39 3.30 30.75
CA GLY A 166 -14.47 4.27 30.19
C GLY A 166 -15.03 4.99 28.99
N LEU A 167 -14.46 6.17 28.74
CA LEU A 167 -14.73 6.94 27.54
C LEU A 167 -13.41 7.29 26.89
N HIS A 168 -13.43 7.35 25.55
CA HIS A 168 -12.24 7.43 24.73
C HIS A 168 -12.49 8.46 23.64
N PHE A 169 -11.44 9.18 23.24
CA PHE A 169 -11.50 9.96 22.02
C PHE A 169 -10.12 9.95 21.38
N HIS A 170 -10.12 10.09 20.05
CA HIS A 170 -8.88 10.23 19.30
C HIS A 170 -9.18 11.21 18.18
N THR A 171 -8.55 12.39 18.23
CA THR A 171 -8.91 13.47 17.34
C THR A 171 -7.71 14.23 16.79
N LEU A 172 -6.49 13.84 17.15
CA LEU A 172 -5.29 14.61 16.85
C LEU A 172 -4.35 13.83 15.95
N CYS A 173 -3.43 14.55 15.33
CA CYS A 173 -2.35 13.95 14.54
C CYS A 173 -1.19 14.92 14.55
N GLU A 174 -0.05 14.47 15.09
CA GLU A 174 1.17 15.27 15.13
C GLU A 174 0.91 16.67 15.70
N GLN A 175 0.20 16.72 16.82
CA GLN A 175 -0.21 18.00 17.39
C GLN A 175 0.36 18.20 18.79
N ASP A 176 0.40 19.46 19.19
CA ASP A 176 0.96 19.83 20.47
C ASP A 176 -0.10 19.70 21.56
N ALA A 177 0.22 20.20 22.75
CA ALA A 177 -0.68 20.01 23.89
C ALA A 177 -1.91 20.90 23.78
N ALA A 178 -1.77 22.10 23.22
CA ALA A 178 -2.88 23.05 23.22
C ALA A 178 -4.14 22.49 22.59
N PRO A 179 -4.10 21.87 21.41
CA PRO A 179 -5.36 21.30 20.87
C PRO A 179 -5.93 20.18 21.72
N LEU A 180 -5.09 19.42 22.42
CA LEU A 180 -5.62 18.45 23.38
C LEU A 180 -6.35 19.14 24.51
N VAL A 181 -5.72 20.15 25.12
CA VAL A 181 -6.37 20.89 26.21
C VAL A 181 -7.72 21.43 25.75
N GLU A 182 -7.74 22.00 24.55
CA GLU A 182 -8.96 22.54 23.98
C GLU A 182 -10.02 21.46 23.77
N THR A 183 -9.60 20.30 23.28
CA THR A 183 -10.54 19.21 23.01
C THR A 183 -11.09 18.64 24.32
N VAL A 184 -10.24 18.51 25.34
CA VAL A 184 -10.70 18.08 26.66
C VAL A 184 -11.78 19.01 27.19
N ALA A 185 -11.58 20.33 27.03
CA ALA A 185 -12.58 21.28 27.49
C ALA A 185 -13.92 21.04 26.80
N VAL A 186 -13.89 20.71 25.50
CA VAL A 186 -15.13 20.45 24.78
C VAL A 186 -15.76 19.14 25.25
N VAL A 187 -14.94 18.12 25.50
CA VAL A 187 -15.47 16.87 26.06
C VAL A 187 -16.15 17.13 27.40
N GLU A 188 -15.55 17.99 28.23
CA GLU A 188 -16.18 18.33 29.51
C GLU A 188 -17.47 19.10 29.29
N GLU A 189 -17.49 20.04 28.35
CA GLU A 189 -18.70 20.81 28.09
C GLU A 189 -19.84 19.91 27.62
N LYS A 190 -19.55 18.98 26.73
CA LYS A 190 -20.59 18.16 26.09
C LYS A 190 -20.93 16.91 26.86
N PHE A 191 -19.93 16.23 27.42
CA PHE A 191 -20.13 14.94 28.07
C PHE A 191 -19.86 14.98 29.57
N GLY A 192 -19.63 16.17 30.13
CA GLY A 192 -19.28 16.34 31.52
C GLY A 192 -20.07 15.51 32.51
N PRO A 193 -21.40 15.49 32.39
CA PRO A 193 -22.21 14.78 33.40
C PRO A 193 -21.95 13.29 33.49
N TRP A 194 -21.25 12.69 32.53
CA TRP A 194 -21.03 11.25 32.51
C TRP A 194 -19.58 10.87 32.74
N LEU A 195 -18.73 11.84 33.07
CA LEU A 195 -17.31 11.54 33.27
C LEU A 195 -17.03 10.99 34.65
N SER A 196 -17.71 11.51 35.68
CA SER A 196 -17.42 11.11 37.06
C SER A 196 -17.60 9.61 37.27
N GLN A 197 -18.60 9.01 36.61
CA GLN A 197 -18.91 7.61 36.84
C GLN A 197 -17.94 6.66 36.15
N MET A 198 -17.04 7.16 35.33
CA MET A 198 -16.09 6.31 34.64
C MET A 198 -14.91 5.99 35.53
N LYS A 199 -14.29 4.83 35.27
CA LYS A 199 -13.04 4.46 35.91
C LYS A 199 -11.83 4.99 35.16
N TRP A 200 -11.95 5.14 33.84
CA TRP A 200 -10.82 5.59 33.04
C TRP A 200 -11.30 6.44 31.89
N LEU A 201 -10.42 7.32 31.42
CA LEU A 201 -10.62 8.09 30.21
C LEU A 201 -9.37 7.93 29.36
N ASN A 202 -9.54 7.82 28.05
CA ASN A 202 -8.45 7.61 27.11
C ASN A 202 -8.46 8.78 26.13
N PHE A 203 -7.36 9.55 26.11
CA PHE A 203 -7.23 10.73 25.28
C PHE A 203 -6.70 10.42 23.88
N GLY A 204 -6.57 9.15 23.53
CA GLY A 204 -6.16 8.82 22.18
C GLY A 204 -4.69 9.09 21.90
N GLY A 205 -4.37 9.15 20.61
CA GLY A 205 -3.05 9.45 20.13
C GLY A 205 -3.00 10.77 19.40
N GLY A 206 -1.99 10.90 18.54
CA GLY A 206 -1.77 12.15 17.83
C GLY A 206 -1.03 13.19 18.64
N HIS A 207 -0.63 12.86 19.86
CA HIS A 207 0.12 13.77 20.72
C HIS A 207 1.59 13.66 20.35
N HIS A 208 2.16 14.77 19.89
CA HIS A 208 3.52 14.82 19.37
C HIS A 208 4.51 14.97 20.52
N ILE A 209 4.37 14.09 21.52
CA ILE A 209 5.00 14.29 22.83
C ILE A 209 6.52 14.30 22.73
N THR A 210 7.08 13.55 21.77
CA THR A 210 8.52 13.41 21.66
C THR A 210 9.13 14.33 20.61
N ARG A 211 8.33 15.18 20.00
CA ARG A 211 8.86 16.18 19.09
C ARG A 211 9.47 17.31 19.91
N PRO A 212 10.73 17.69 19.68
CA PRO A 212 11.31 18.78 20.47
C PRO A 212 10.44 20.02 20.45
N GLY A 213 10.20 20.58 21.64
CA GLY A 213 9.39 21.76 21.78
C GLY A 213 7.97 21.50 22.24
N TYR A 214 7.51 20.25 22.23
CA TYR A 214 6.19 19.92 22.73
C TYR A 214 6.03 20.42 24.16
N ASP A 215 4.85 20.96 24.47
CA ASP A 215 4.59 21.56 25.79
C ASP A 215 4.20 20.46 26.77
N ILE A 216 5.22 19.73 27.23
CA ILE A 216 5.00 18.65 28.19
C ILE A 216 4.29 19.16 29.42
N ASP A 217 4.69 20.34 29.92
CA ASP A 217 4.09 20.88 31.13
C ASP A 217 2.59 21.06 30.98
N ALA A 218 2.13 21.54 29.82
CA ALA A 218 0.70 21.71 29.60
C ALA A 218 -0.01 20.36 29.56
N LEU A 219 0.61 19.36 28.94
CA LEU A 219 0.01 18.03 28.93
C LEU A 219 -0.12 17.47 30.34
N VAL A 220 0.96 17.59 31.12
CA VAL A 220 0.96 17.09 32.49
C VAL A 220 -0.13 17.77 33.31
N SER A 221 -0.25 19.10 33.17
CA SER A 221 -1.26 19.82 33.94
CA SER A 221 -1.26 19.82 33.94
C SER A 221 -2.66 19.39 33.55
N CYS A 222 -2.91 19.20 32.26
CA CYS A 222 -4.24 18.80 31.80
C CYS A 222 -4.58 17.40 32.29
N VAL A 223 -3.67 16.44 32.08
CA VAL A 223 -3.90 15.07 32.54
C VAL A 223 -4.17 15.04 34.03
N SER A 224 -3.35 15.76 34.81
CA SER A 224 -3.49 15.73 36.26
C SER A 224 -4.83 16.34 36.69
N ARG A 225 -5.22 17.45 36.07
CA ARG A 225 -6.48 18.09 36.44
C ARG A 225 -7.66 17.17 36.18
N VAL A 226 -7.67 16.49 35.04
CA VAL A 226 -8.77 15.60 34.69
C VAL A 226 -8.81 14.40 35.64
N GLN A 227 -7.65 13.78 35.89
CA GLN A 227 -7.63 12.66 36.82
C GLN A 227 -8.15 13.06 38.19
N GLU A 228 -7.75 14.24 38.67
CA GLU A 228 -8.20 14.70 39.98
C GLU A 228 -9.68 15.04 39.98
N ARG A 229 -10.14 15.80 38.98
CA ARG A 229 -11.52 16.28 39.02
C ARG A 229 -12.51 15.13 38.97
N TYR A 230 -12.23 14.11 38.15
CA TYR A 230 -13.18 13.03 37.92
C TYR A 230 -12.81 11.72 38.59
N GLY A 231 -11.65 11.63 39.24
CA GLY A 231 -11.26 10.39 39.88
C GLY A 231 -11.13 9.27 38.88
N VAL A 232 -10.40 9.53 37.79
CA VAL A 232 -10.23 8.56 36.72
C VAL A 232 -8.75 8.31 36.49
N GLN A 233 -8.47 7.15 35.91
CA GLN A 233 -7.18 6.84 35.33
C GLN A 233 -7.20 7.34 33.89
N VAL A 234 -6.27 8.22 33.54
CA VAL A 234 -6.16 8.67 32.15
C VAL A 234 -5.15 7.79 31.43
N TYR A 235 -5.48 7.44 30.20
CA TYR A 235 -4.59 6.76 29.27
C TYR A 235 -4.28 7.68 28.10
N LEU A 236 -3.04 7.63 27.64
CA LEU A 236 -2.62 8.18 26.36
C LEU A 236 -2.16 7.01 25.49
N GLU A 237 -2.39 7.10 24.19
CA GLU A 237 -2.05 6.01 23.28
C GLU A 237 -1.36 6.56 22.03
N PRO A 238 -0.17 7.13 22.20
CA PRO A 238 0.59 7.60 21.03
C PRO A 238 1.10 6.43 20.21
N GLY A 239 1.22 6.67 18.91
CA GLY A 239 1.86 5.74 18.01
C GLY A 239 3.14 6.34 17.49
N GLU A 240 2.99 7.37 16.63
CA GLU A 240 4.16 8.01 16.04
C GLU A 240 5.18 8.44 17.09
N ALA A 241 4.72 8.99 18.21
CA ALA A 241 5.66 9.52 19.20
C ALA A 241 6.62 8.46 19.71
N VAL A 242 6.19 7.19 19.74
CA VAL A 242 7.05 6.15 20.28
C VAL A 242 8.28 5.93 19.41
N ALA A 243 8.11 5.99 18.09
CA ALA A 243 9.18 5.61 17.16
C ALA A 243 9.61 6.75 16.25
N LEU A 244 9.21 7.99 16.55
CA LEU A 244 9.63 9.15 15.78
C LEU A 244 11.15 9.22 15.71
N ASN A 245 11.67 9.34 14.50
CA ASN A 245 13.11 9.54 14.29
C ASN A 245 13.94 8.47 14.98
N ALA A 246 13.46 7.23 14.94
CA ALA A 246 14.15 6.11 15.57
C ALA A 246 14.48 4.99 14.60
N GLY A 247 14.24 5.18 13.30
CA GLY A 247 14.57 4.16 12.33
C GLY A 247 14.98 4.75 11.00
N PHE A 248 15.62 3.90 10.20
CA PHE A 248 16.16 4.30 8.91
C PHE A 248 15.81 3.25 7.87
N LEU A 249 15.88 3.66 6.60
CA LEU A 249 15.81 2.76 5.46
C LEU A 249 17.07 3.00 4.64
N VAL A 250 17.90 1.96 4.53
CA VAL A 250 19.17 2.05 3.85
C VAL A 250 19.02 1.42 2.46
N SER A 251 19.48 2.14 1.43
CA SER A 251 19.36 1.71 0.05
C SER A 251 20.69 1.89 -0.65
N THR A 252 20.94 1.04 -1.65
CA THR A 252 22.12 1.15 -2.50
C THR A 252 21.69 1.64 -3.88
N VAL A 253 22.47 2.56 -4.44
CA VAL A 253 22.28 3.00 -5.81
C VAL A 253 22.65 1.88 -6.76
N LEU A 254 21.75 1.54 -7.67
CA LEU A 254 21.98 0.49 -8.66
C LEU A 254 22.51 1.01 -9.99
N ASP A 255 22.02 2.16 -10.44
CA ASP A 255 22.45 2.72 -11.72
C ASP A 255 22.24 4.23 -11.65
N VAL A 256 23.02 4.95 -12.44
CA VAL A 256 22.86 6.39 -12.61
C VAL A 256 22.86 6.67 -14.10
N LEU A 257 21.90 7.46 -14.56
CA LEU A 257 21.78 7.80 -15.98
C LEU A 257 21.44 9.27 -16.10
N GLU A 258 21.59 9.78 -17.32
CA GLU A 258 21.34 11.19 -17.61
C GLU A 258 20.15 11.30 -18.54
N ASN A 259 19.16 12.10 -18.14
CA ASN A 259 18.03 12.41 -19.01
C ASN A 259 17.45 13.72 -18.51
N SER A 260 17.87 14.83 -19.13
CA SER A 260 17.51 16.16 -18.65
C SER A 260 17.89 16.33 -17.18
N GLY A 261 19.04 15.78 -16.81
CA GLY A 261 19.54 15.82 -15.45
C GLY A 261 20.00 14.46 -14.98
N ASN A 262 20.56 14.43 -13.77
CA ASN A 262 21.06 13.18 -13.21
C ASN A 262 19.91 12.40 -12.58
N ILE A 263 19.83 11.12 -12.91
CA ILE A 263 18.80 10.22 -12.40
C ILE A 263 19.50 9.04 -11.75
N ALA A 264 19.09 8.70 -10.53
CA ALA A 264 19.63 7.55 -9.81
C ALA A 264 18.52 6.54 -9.57
N VAL A 265 18.77 5.29 -9.95
CA VAL A 265 17.86 4.18 -9.66
C VAL A 265 18.36 3.50 -8.40
N LEU A 266 17.54 3.52 -7.35
CA LEU A 266 17.88 2.92 -6.07
C LEU A 266 17.31 1.50 -5.98
N ASP A 267 17.80 0.74 -5.01
CA ASP A 267 17.27 -0.59 -4.79
C ASP A 267 16.09 -0.61 -3.81
N THR A 268 15.63 0.56 -3.34
CA THR A 268 14.38 0.68 -2.62
C THR A 268 13.33 1.42 -3.46
N SER A 269 12.07 1.06 -3.24
CA SER A 269 10.93 1.63 -3.94
C SER A 269 10.09 2.42 -2.96
N ALA A 270 9.69 3.63 -3.33
CA ALA A 270 8.72 4.35 -2.52
C ALA A 270 7.37 3.64 -2.53
N ALA A 271 6.91 3.25 -3.72
CA ALA A 271 5.60 2.60 -3.84
C ALA A 271 5.51 1.37 -2.95
N CYS A 272 6.60 0.60 -2.83
CA CYS A 272 6.57 -0.66 -2.10
C CYS A 272 7.03 -0.51 -0.65
N HIS A 273 8.00 0.36 -0.38
CA HIS A 273 8.70 0.34 0.90
C HIS A 273 8.46 1.57 1.76
N MET A 274 8.00 2.67 1.19
CA MET A 274 7.60 3.85 1.95
C MET A 274 6.43 4.51 1.25
N PRO A 275 5.29 3.80 1.19
CA PRO A 275 4.21 4.25 0.30
C PRO A 275 3.67 5.62 0.64
N ASP A 276 3.73 6.05 1.90
CA ASP A 276 3.24 7.38 2.23
C ASP A 276 4.01 8.47 1.49
N VAL A 277 5.25 8.20 1.08
CA VAL A 277 6.01 9.19 0.33
C VAL A 277 5.26 9.62 -0.92
N LEU A 278 4.64 8.67 -1.61
CA LEU A 278 3.87 8.98 -2.82
C LEU A 278 2.43 9.33 -2.52
N GLU A 279 1.84 8.68 -1.51
CA GLU A 279 0.41 8.84 -1.26
C GLU A 279 0.08 10.21 -0.68
N MET A 280 0.91 10.70 0.24
CA MET A 280 0.51 11.88 1.01
C MET A 280 0.46 13.15 0.17
N PRO A 281 1.54 13.55 -0.53
CA PRO A 281 2.89 12.99 -0.56
C PRO A 281 3.77 13.69 0.46
N TYR A 282 4.98 13.20 0.71
CA TYR A 282 5.93 13.92 1.53
C TYR A 282 7.34 13.53 1.13
N ARG A 283 8.29 14.35 1.55
CA ARG A 283 9.69 14.21 1.16
C ARG A 283 10.50 13.67 2.34
N PRO A 284 10.98 12.43 2.29
CA PRO A 284 11.70 11.89 3.45
C PRO A 284 13.09 12.49 3.55
N PRO A 285 13.62 12.65 4.77
CA PRO A 285 14.99 13.16 4.90
C PRO A 285 16.00 12.11 4.50
N ILE A 286 17.06 12.55 3.83
CA ILE A 286 18.20 11.72 3.49
C ILE A 286 19.43 12.30 4.16
N ALA A 287 20.16 11.45 4.87
CA ALA A 287 21.40 11.90 5.50
C ALA A 287 22.37 12.36 4.43
N GLY A 288 22.88 13.58 4.60
CA GLY A 288 23.78 14.18 3.62
C GLY A 288 23.09 14.75 2.40
N GLY A 289 21.77 14.65 2.32
CA GLY A 289 21.03 15.16 1.18
C GLY A 289 20.47 16.55 1.47
N GLY A 290 20.44 17.37 0.42
CA GLY A 290 19.83 18.69 0.49
C GLY A 290 18.74 18.85 -0.55
N GLY A 291 18.15 20.04 -0.57
CA GLY A 291 17.20 20.39 -1.60
C GLY A 291 17.88 20.69 -2.92
N LEU A 292 17.07 20.75 -3.98
CA LEU A 292 17.60 21.06 -5.30
C LEU A 292 18.39 22.36 -5.27
N GLY A 293 19.60 22.32 -5.84
CA GLY A 293 20.46 23.49 -5.92
C GLY A 293 21.22 23.80 -4.65
N GLU A 294 20.96 23.08 -3.55
CA GLU A 294 21.61 23.38 -2.29
C GLU A 294 23.06 22.89 -2.27
N LYS A 295 23.31 21.72 -2.86
CA LYS A 295 24.64 21.13 -2.93
C LYS A 295 25.03 20.94 -4.40
N ALA A 296 26.22 20.36 -4.61
CA ALA A 296 26.86 20.43 -5.92
C ALA A 296 26.14 19.63 -7.00
N TYR A 297 25.49 18.52 -6.64
CA TYR A 297 24.90 17.60 -7.61
C TYR A 297 23.42 17.41 -7.29
N ASP A 298 22.57 17.63 -8.29
CA ASP A 298 21.14 17.36 -8.18
C ASP A 298 20.83 15.99 -8.78
N TYR A 299 20.00 15.22 -8.09
CA TYR A 299 19.55 13.92 -8.58
C TYR A 299 18.06 13.78 -8.38
N ARG A 300 17.41 13.14 -9.35
CA ARG A 300 16.07 12.59 -9.15
C ARG A 300 16.25 11.11 -8.80
N LEU A 301 15.77 10.71 -7.64
CA LEU A 301 15.91 9.35 -7.15
C LEU A 301 14.63 8.57 -7.48
N GLY A 302 14.80 7.44 -8.16
CA GLY A 302 13.68 6.62 -8.55
C GLY A 302 13.87 5.18 -8.10
N GLY A 303 12.76 4.45 -8.08
CA GLY A 303 12.76 3.08 -7.61
C GLY A 303 13.15 2.09 -8.68
N PRO A 304 13.38 0.85 -8.26
CA PRO A 304 13.72 -0.23 -9.20
C PRO A 304 12.51 -0.91 -9.81
N THR A 305 11.33 -0.32 -9.66
CA THR A 305 10.10 -0.86 -10.16
C THR A 305 9.87 -0.41 -11.60
N CYS A 306 8.89 -1.01 -12.25
N CYS A 306 8.97 -1.11 -12.28
CA CYS A 306 8.53 -0.65 -13.61
CA CYS A 306 8.48 -0.67 -13.58
C CYS A 306 7.58 0.55 -13.70
C CYS A 306 7.25 0.21 -13.38
N LEU A 307 7.46 1.29 -12.61
CA LEU A 307 6.44 2.30 -12.41
C LEU A 307 7.03 3.67 -12.71
N ALA A 308 6.46 4.36 -13.70
CA ALA A 308 6.90 5.70 -14.01
C ALA A 308 6.80 6.60 -12.79
N GLY A 309 5.77 6.43 -11.98
CA GLY A 309 5.52 7.27 -10.84
C GLY A 309 6.29 6.97 -9.58
N ASP A 310 7.12 5.93 -9.57
CA ASP A 310 7.87 5.55 -8.37
C ASP A 310 9.14 6.39 -8.29
N VAL A 311 8.92 7.69 -8.06
CA VAL A 311 9.99 8.68 -7.94
C VAL A 311 10.00 9.13 -6.48
N ILE A 312 11.13 8.91 -5.81
CA ILE A 312 11.24 9.18 -4.40
C ILE A 312 11.35 10.69 -4.14
N GLY A 313 12.10 11.39 -4.97
CA GLY A 313 12.20 12.83 -4.84
C GLY A 313 13.48 13.34 -5.46
N ASP A 314 13.60 14.67 -5.43
CA ASP A 314 14.77 15.37 -5.95
C ASP A 314 15.63 15.83 -4.78
N TYR A 315 16.91 15.45 -4.80
CA TYR A 315 17.84 15.73 -3.71
C TYR A 315 19.17 16.15 -4.28
N SER A 316 19.94 16.89 -3.49
CA SER A 316 21.28 17.29 -3.87
C SER A 316 22.30 16.69 -2.90
N PHE A 317 23.51 16.47 -3.42
CA PHE A 317 24.61 15.90 -2.65
C PHE A 317 25.90 16.62 -3.00
N ASP A 318 26.84 16.63 -2.05
CA ASP A 318 28.09 17.34 -2.25
C ASP A 318 29.04 16.58 -3.18
N GLU A 319 28.90 15.27 -3.27
CA GLU A 319 29.72 14.43 -4.13
C GLU A 319 28.78 13.55 -4.93
N PRO A 320 29.26 12.95 -6.03
CA PRO A 320 28.37 12.19 -6.90
C PRO A 320 27.81 10.96 -6.21
N LEU A 321 26.61 10.57 -6.65
CA LEU A 321 26.09 9.24 -6.39
C LEU A 321 26.54 8.34 -7.53
N SER A 322 26.96 7.14 -7.20
CA SER A 322 27.31 6.17 -8.23
C SER A 322 26.83 4.79 -7.80
N PRO A 323 26.82 3.81 -8.70
CA PRO A 323 26.44 2.46 -8.30
C PRO A 323 27.29 2.00 -7.12
N GLY A 324 26.61 1.53 -6.07
CA GLY A 324 27.25 1.15 -4.84
C GLY A 324 27.17 2.18 -3.74
N SER A 325 26.83 3.42 -4.08
CA SER A 325 26.62 4.44 -3.05
C SER A 325 25.44 4.04 -2.17
N ARG A 326 25.57 4.31 -0.88
CA ARG A 326 24.51 4.05 0.08
C ARG A 326 23.77 5.35 0.39
N VAL A 327 22.45 5.25 0.43
CA VAL A 327 21.55 6.37 0.73
C VAL A 327 20.75 5.98 1.96
N VAL A 328 20.72 6.85 2.96
CA VAL A 328 20.07 6.56 4.23
C VAL A 328 18.88 7.49 4.41
N PHE A 329 17.67 6.93 4.31
CA PHE A 329 16.45 7.67 4.61
C PHE A 329 16.18 7.61 6.11
N CYS A 330 15.69 8.73 6.65
CA CYS A 330 15.48 8.87 8.07
C CYS A 330 13.99 8.91 8.43
N ASP A 331 13.72 8.75 9.73
CA ASP A 331 12.34 8.71 10.27
C ASP A 331 11.52 7.62 9.59
N MET A 332 12.13 6.44 9.44
CA MET A 332 11.56 5.36 8.67
C MET A 332 11.00 4.23 9.53
N ALA A 333 10.89 4.42 10.84
CA ALA A 333 10.29 3.39 11.68
C ALA A 333 8.76 3.47 11.71
N ILE A 334 8.19 4.67 11.52
CA ILE A 334 6.76 4.89 11.70
C ILE A 334 6.03 4.72 10.37
N TYR A 335 4.86 4.10 10.44
CA TYR A 335 3.93 4.04 9.32
C TYR A 335 4.62 3.60 8.03
N SER A 336 5.47 2.57 8.16
CA SER A 336 6.28 2.08 7.06
C SER A 336 6.17 0.57 6.98
N MET A 337 6.88 -0.15 7.85
CA MET A 337 6.85 -1.61 7.83
C MET A 337 5.44 -2.14 8.06
N VAL A 338 4.61 -1.40 8.78
CA VAL A 338 3.24 -1.84 9.07
C VAL A 338 2.34 -1.83 7.84
N LYS A 339 2.77 -1.22 6.73
CA LYS A 339 1.88 -1.07 5.59
C LYS A 339 2.60 -1.26 4.26
N ASN A 340 3.80 -1.85 4.26
CA ASN A 340 4.50 -2.02 2.99
C ASN A 340 3.94 -3.21 2.21
N ASN A 341 4.45 -3.40 0.99
CA ASN A 341 3.81 -4.31 0.05
C ASN A 341 4.85 -4.87 -0.91
N THR A 342 4.41 -5.83 -1.73
CA THR A 342 5.25 -6.52 -2.71
C THR A 342 4.79 -6.25 -4.14
N PHE A 343 4.24 -5.06 -4.40
CA PHE A 343 3.87 -4.66 -5.75
C PHE A 343 5.07 -4.80 -6.68
N ASN A 344 4.82 -5.20 -7.93
CA ASN A 344 5.87 -5.47 -8.92
C ASN A 344 6.74 -6.66 -8.55
N GLY A 345 6.40 -7.39 -7.49
CA GLY A 345 7.25 -8.45 -7.02
C GLY A 345 8.53 -8.00 -6.37
N MET A 346 8.64 -6.75 -5.94
CA MET A 346 9.84 -6.32 -5.22
C MET A 346 9.93 -7.06 -3.89
N ASN A 347 11.13 -7.53 -3.57
CA ASN A 347 11.35 -8.16 -2.27
C ASN A 347 11.22 -7.12 -1.18
N LEU A 348 10.66 -7.53 -0.04
CA LEU A 348 10.53 -6.64 1.09
C LEU A 348 11.91 -6.33 1.67
N PRO A 349 12.14 -5.12 2.16
CA PRO A 349 13.42 -4.83 2.80
C PRO A 349 13.60 -5.67 4.05
N ALA A 350 14.85 -6.07 4.29
CA ALA A 350 15.18 -6.74 5.54
C ALA A 350 14.94 -5.80 6.71
N ILE A 351 14.80 -6.39 7.90
CA ILE A 351 14.60 -5.63 9.13
C ILE A 351 15.77 -5.91 10.06
N TYR A 352 16.47 -4.84 10.47
CA TYR A 352 17.57 -4.93 11.41
C TYR A 352 17.27 -4.11 12.66
N LEU A 353 17.91 -4.51 13.76
CA LEU A 353 17.82 -3.81 15.04
C LEU A 353 19.23 -3.43 15.46
N LYS A 354 19.49 -2.15 15.61
CA LYS A 354 20.74 -1.66 16.17
C LYS A 354 20.56 -1.60 17.68
N LYS A 355 21.28 -2.45 18.41
CA LYS A 355 21.14 -2.55 19.85
C LYS A 355 21.81 -1.34 20.52
N GLN A 356 21.42 -1.09 21.77
CA GLN A 356 21.97 0.05 22.47
C GLN A 356 23.48 -0.08 22.66
N ASP A 357 24.02 -1.31 22.65
CA ASP A 357 25.45 -1.50 22.74
C ASP A 357 26.16 -1.31 21.40
N GLY A 358 25.43 -0.98 20.34
CA GLY A 358 26.01 -0.65 19.05
C GLY A 358 26.02 -1.78 18.05
N SER A 359 25.84 -3.02 18.51
CA SER A 359 25.78 -4.14 17.59
C SER A 359 24.48 -4.08 16.78
N ILE A 360 24.48 -4.78 15.65
CA ILE A 360 23.35 -4.82 14.74
C ILE A 360 22.92 -6.27 14.55
N GLN A 361 21.64 -6.53 14.71
CA GLN A 361 21.06 -7.86 14.62
C GLN A 361 20.10 -7.91 13.45
N LEU A 362 20.22 -8.93 12.61
CA LEU A 362 19.22 -9.18 11.58
C LEU A 362 17.99 -9.79 12.24
N VAL A 363 16.86 -9.08 12.14
CA VAL A 363 15.62 -9.57 12.73
C VAL A 363 14.85 -10.45 11.76
N ARG A 364 14.75 -10.04 10.49
CA ARG A 364 13.88 -10.70 9.53
C ARG A 364 14.39 -10.40 8.14
N LYS A 365 14.52 -11.44 7.32
CA LYS A 365 14.88 -11.33 5.92
C LYS A 365 13.82 -12.05 5.11
N PHE A 366 13.38 -11.42 4.02
CA PHE A 366 12.26 -11.90 3.23
C PHE A 366 12.74 -12.49 1.91
N GLY A 367 11.83 -13.18 1.22
CA GLY A 367 12.17 -13.82 -0.01
C GLY A 367 10.96 -14.14 -0.88
N TYR A 368 11.20 -14.99 -1.88
CA TYR A 368 10.19 -15.28 -2.90
C TYR A 368 8.87 -15.73 -2.31
N GLU A 369 8.92 -16.60 -1.28
CA GLU A 369 7.68 -17.15 -0.74
C GLU A 369 6.80 -16.06 -0.13
N ASP A 370 7.40 -15.01 0.44
CA ASP A 370 6.59 -13.95 1.01
C ASP A 370 5.79 -13.21 -0.05
N PHE A 371 6.36 -13.08 -1.25
CA PHE A 371 5.65 -12.50 -2.38
C PHE A 371 4.62 -13.47 -2.94
N LYS A 372 5.00 -14.73 -3.11
CA LYS A 372 4.16 -15.69 -3.83
C LYS A 372 2.89 -16.01 -3.05
N THR A 373 3.01 -16.20 -1.74
CA THR A 373 1.92 -16.71 -0.92
C THR A 373 0.74 -15.76 -0.84
N ARG A 374 0.91 -14.49 -1.22
CA ARG A 374 -0.17 -13.53 -1.20
C ARG A 374 -1.07 -13.59 -2.44
N LEU A 375 -0.70 -14.39 -3.44
CA LEU A 375 -1.30 -14.30 -4.77
C LEU A 375 -2.18 -15.47 -5.15
N SER A 376 -2.01 -16.62 -4.51
CA SER A 376 -2.85 -17.80 -4.68
C SER A 376 -2.32 -18.85 -3.71
N GLN B 9 -16.88 -16.22 2.67
CA GLN B 9 -16.29 -15.51 3.81
C GLN B 9 -15.78 -14.17 3.35
N THR B 10 -16.36 -13.09 3.88
CA THR B 10 -15.99 -11.75 3.47
C THR B 10 -15.03 -11.12 4.48
N PRO B 11 -14.22 -10.17 4.03
CA PRO B 11 -14.09 -9.69 2.63
C PRO B 11 -13.35 -10.71 1.78
N CYS B 12 -13.61 -10.76 0.48
CA CYS B 12 -12.92 -11.73 -0.36
C CYS B 12 -12.92 -11.24 -1.80
N TYR B 13 -11.81 -11.52 -2.50
CA TYR B 13 -11.75 -11.35 -3.95
C TYR B 13 -12.32 -12.60 -4.61
N VAL B 14 -13.02 -12.41 -5.72
CA VAL B 14 -13.53 -13.51 -6.53
C VAL B 14 -13.18 -13.21 -7.98
N VAL B 15 -12.36 -14.06 -8.60
CA VAL B 15 -12.03 -13.94 -10.01
C VAL B 15 -12.85 -14.95 -10.78
N ASP B 16 -13.42 -14.52 -11.90
CA ASP B 16 -14.40 -15.30 -12.66
C ASP B 16 -13.74 -15.79 -13.94
N GLU B 17 -13.60 -17.11 -14.08
CA GLU B 17 -12.94 -17.67 -15.25
C GLU B 17 -13.64 -17.26 -16.54
N ALA B 18 -14.97 -17.22 -16.54
CA ALA B 18 -15.68 -16.88 -17.77
C ALA B 18 -15.35 -15.46 -18.21
N LEU B 19 -15.19 -14.55 -17.26
CA LEU B 19 -14.84 -13.18 -17.61
C LEU B 19 -13.38 -13.07 -18.03
N LEU B 20 -12.48 -13.81 -17.37
CA LEU B 20 -11.10 -13.90 -17.87
C LEU B 20 -11.09 -14.40 -19.30
N GLU B 21 -11.86 -15.45 -19.58
CA GLU B 21 -11.84 -16.03 -20.93
C GLU B 21 -12.37 -15.07 -21.97
N ARG B 22 -13.38 -14.27 -21.62
CA ARG B 22 -13.85 -13.24 -22.55
C ARG B 22 -12.70 -12.33 -22.96
N ASN B 23 -11.85 -11.95 -22.02
CA ASN B 23 -10.70 -11.11 -22.36
C ASN B 23 -9.66 -11.89 -23.17
N LEU B 24 -9.37 -13.13 -22.75
CA LEU B 24 -8.34 -13.92 -23.40
C LEU B 24 -8.70 -14.24 -24.84
N VAL B 25 -10.00 -14.41 -25.12
CA VAL B 25 -10.44 -14.70 -26.47
C VAL B 25 -10.08 -13.54 -27.41
N ILE B 26 -10.22 -12.31 -26.93
CA ILE B 26 -9.85 -11.15 -27.73
C ILE B 26 -8.35 -11.12 -27.98
N LEU B 27 -7.56 -11.36 -26.94
CA LEU B 27 -6.11 -11.37 -27.11
C LEU B 27 -5.69 -12.48 -28.07
N LYS B 28 -6.35 -13.64 -27.99
CA LYS B 28 -6.03 -14.72 -28.92
C LYS B 28 -6.42 -14.35 -30.35
N GLN B 29 -7.50 -13.59 -30.54
CA GLN B 29 -7.82 -13.09 -31.87
C GLN B 29 -6.66 -12.30 -32.45
N VAL B 30 -6.05 -11.44 -31.64
CA VAL B 30 -4.95 -10.61 -32.12
C VAL B 30 -3.76 -11.49 -32.52
N ILE B 31 -3.42 -12.47 -31.68
CA ILE B 31 -2.36 -13.42 -32.01
C ILE B 31 -2.66 -14.12 -33.34
N ASP B 32 -3.87 -14.65 -33.48
CA ASP B 32 -4.17 -15.45 -34.65
C ASP B 32 -4.22 -14.60 -35.92
N ARG B 33 -4.64 -13.33 -35.82
CA ARG B 33 -4.72 -12.49 -37.00
C ARG B 33 -3.38 -11.90 -37.42
N THR B 34 -2.38 -11.89 -36.54
CA THR B 34 -1.11 -11.24 -36.84
C THR B 34 0.10 -12.16 -36.82
N GLY B 35 0.06 -13.26 -36.06
CA GLY B 35 1.27 -13.98 -35.78
C GLY B 35 2.15 -13.33 -34.73
N CYS B 36 1.68 -12.28 -34.08
CA CYS B 36 2.40 -11.73 -32.95
C CYS B 36 2.29 -12.68 -31.77
N LYS B 37 3.00 -12.33 -30.69
CA LYS B 37 2.90 -13.03 -29.43
C LYS B 37 2.46 -12.05 -28.37
N ILE B 38 1.72 -12.55 -27.38
CA ILE B 38 1.19 -11.73 -26.30
C ILE B 38 1.53 -12.38 -24.97
N LEU B 39 2.07 -11.59 -24.06
CA LEU B 39 2.47 -12.01 -22.73
C LEU B 39 1.61 -11.29 -21.69
N LEU B 40 1.37 -11.95 -20.57
CA LEU B 40 0.76 -11.30 -19.42
C LEU B 40 1.82 -10.49 -18.69
N ALA B 41 1.57 -9.18 -18.54
CA ALA B 41 2.37 -8.34 -17.66
C ALA B 41 1.87 -8.55 -16.23
N GLN B 42 2.64 -9.27 -15.44
CA GLN B 42 2.19 -9.75 -14.15
C GLN B 42 1.98 -8.67 -13.12
N ALA B 44 0.13 -6.25 -13.07
CA ALA B 44 -1.30 -5.97 -12.94
C ALA B 44 -2.07 -7.09 -12.25
N PHE B 45 -1.62 -8.32 -12.46
CA PHE B 45 -2.42 -9.50 -12.12
C PHE B 45 -1.46 -10.67 -12.06
N SER B 46 -1.27 -11.21 -10.85
CA SER B 46 -0.34 -12.31 -10.61
C SER B 46 -1.03 -13.47 -9.91
N MET B 47 -2.33 -13.63 -10.13
CA MET B 47 -3.10 -14.69 -9.47
CA MET B 47 -3.11 -14.69 -9.47
C MET B 47 -2.79 -16.00 -10.18
N PHE B 48 -1.77 -16.69 -9.67
CA PHE B 48 -1.23 -17.84 -10.41
C PHE B 48 -2.14 -19.04 -10.44
N ALA B 49 -3.19 -19.10 -9.62
CA ALA B 49 -4.19 -20.14 -9.81
C ALA B 49 -4.81 -20.06 -11.21
N CYS B 50 -4.76 -18.89 -11.84
CA CYS B 50 -5.29 -18.68 -13.18
C CYS B 50 -4.24 -18.78 -14.27
N TYR B 51 -2.97 -19.01 -13.93
CA TYR B 51 -1.93 -18.97 -14.95
C TYR B 51 -2.09 -20.08 -15.98
N PRO B 52 -2.42 -21.33 -15.60
CA PRO B 52 -2.63 -22.35 -16.64
C PRO B 52 -3.70 -21.97 -17.65
N LEU B 53 -4.84 -21.43 -17.19
CA LEU B 53 -5.87 -20.98 -18.12
C LEU B 53 -5.33 -19.88 -19.02
N ILE B 54 -4.67 -18.87 -18.43
CA ILE B 54 -4.14 -17.78 -19.23
C ILE B 54 -3.13 -18.29 -20.25
N GLY B 55 -2.26 -19.20 -19.83
CA GLY B 55 -1.24 -19.74 -20.72
C GLY B 55 -1.77 -20.60 -21.84
N SER B 56 -3.02 -21.03 -21.75
CA SER B 56 -3.63 -21.76 -22.86
C SER B 56 -4.06 -20.84 -24.00
N TYR B 57 -4.09 -19.53 -23.75
CA TYR B 57 -4.37 -18.52 -24.77
C TYR B 57 -3.16 -17.67 -25.14
N LEU B 58 -2.33 -17.33 -24.16
CA LEU B 58 -1.22 -16.42 -24.34
C LEU B 58 0.10 -17.19 -24.45
N ASN B 59 1.16 -16.45 -24.74
CA ASN B 59 2.46 -17.06 -25.03
C ASN B 59 3.38 -17.13 -23.83
N GLY B 60 3.00 -16.53 -22.71
CA GLY B 60 3.85 -16.52 -21.53
C GLY B 60 3.61 -15.24 -20.74
N THR B 61 4.65 -14.83 -20.01
CA THR B 61 4.57 -13.69 -19.12
C THR B 61 5.78 -12.78 -19.32
N THR B 62 5.62 -11.54 -18.89
CA THR B 62 6.77 -10.68 -18.60
C THR B 62 6.75 -10.28 -17.13
N ALA B 63 7.88 -9.75 -16.69
CA ALA B 63 8.16 -9.57 -15.28
C ALA B 63 8.90 -8.26 -15.06
N SER B 64 8.73 -7.72 -13.85
CA SER B 64 9.43 -6.53 -13.39
C SER B 64 10.68 -6.86 -12.59
N GLY B 65 10.94 -8.15 -12.35
CA GLY B 65 12.04 -8.55 -11.49
C GLY B 65 12.06 -10.06 -11.34
N LEU B 66 12.98 -10.51 -10.48
CA LEU B 66 13.21 -11.94 -10.31
C LEU B 66 11.95 -12.67 -9.86
N PHE B 67 11.24 -12.10 -8.87
CA PHE B 67 10.11 -12.85 -8.31
C PHE B 67 9.00 -13.05 -9.33
N GLU B 68 8.64 -12.01 -10.08
CA GLU B 68 7.65 -12.20 -11.13
C GLU B 68 8.14 -13.17 -12.21
N ALA B 69 9.43 -13.10 -12.56
CA ALA B 69 9.96 -14.02 -13.56
C ALA B 69 9.85 -15.47 -13.10
N ARG B 70 10.19 -15.72 -11.84
CA ARG B 70 10.09 -17.08 -11.30
C ARG B 70 8.65 -17.55 -11.27
N LEU B 71 7.73 -16.68 -10.85
CA LEU B 71 6.32 -17.06 -10.78
C LEU B 71 5.79 -17.39 -12.17
N GLY B 72 6.09 -16.54 -13.15
CA GLY B 72 5.65 -16.82 -14.51
C GLY B 72 6.19 -18.13 -15.03
N LYS B 73 7.50 -18.35 -14.87
CA LYS B 73 8.12 -19.56 -15.38
C LYS B 73 7.54 -20.80 -14.70
N GLU B 74 7.40 -20.75 -13.38
CA GLU B 74 6.99 -21.95 -12.64
C GLU B 74 5.50 -22.21 -12.71
N GLU B 75 4.67 -21.16 -12.81
CA GLU B 75 3.22 -21.34 -12.72
C GLU B 75 2.50 -21.26 -14.05
N MET B 76 3.06 -20.58 -15.05
CA MET B 76 2.49 -20.59 -16.40
C MET B 76 3.32 -21.37 -17.40
N GLY B 77 4.65 -21.28 -17.34
CA GLY B 77 5.44 -21.79 -18.43
C GLY B 77 5.35 -20.87 -19.62
N GLY B 78 5.55 -21.44 -20.81
CA GLY B 78 5.64 -20.59 -21.99
C GLY B 78 6.91 -19.77 -21.95
N GLU B 79 6.88 -18.63 -22.64
CA GLU B 79 8.02 -17.73 -22.62
C GLU B 79 7.99 -16.88 -21.35
N THR B 80 9.19 -16.56 -20.85
CA THR B 80 9.37 -15.79 -19.63
C THR B 80 10.32 -14.65 -19.93
N HIS B 81 9.77 -13.45 -20.06
CA HIS B 81 10.52 -12.23 -20.35
C HIS B 81 10.66 -11.43 -19.05
N ILE B 82 11.62 -10.50 -19.05
CA ILE B 82 11.83 -9.65 -17.89
C ILE B 82 12.39 -8.31 -18.37
N PHE B 83 11.97 -7.24 -17.68
CA PHE B 83 12.59 -5.93 -17.79
C PHE B 83 12.76 -5.37 -16.39
N SER B 84 13.87 -4.67 -16.14
CA SER B 84 14.08 -3.96 -14.88
CA SER B 84 14.07 -3.96 -14.89
C SER B 84 14.85 -2.68 -15.16
N PRO B 85 14.54 -1.59 -14.44
CA PRO B 85 15.38 -0.39 -14.58
C PRO B 85 16.83 -0.63 -14.18
N ALA B 86 17.06 -1.54 -13.23
CA ALA B 86 18.42 -1.91 -12.86
C ALA B 86 18.38 -3.25 -12.16
N TYR B 87 19.10 -4.23 -12.71
CA TYR B 87 19.17 -5.55 -12.12
C TYR B 87 20.15 -5.57 -10.96
N ARG B 88 19.88 -6.47 -10.00
CA ARG B 88 20.79 -6.68 -8.89
C ARG B 88 21.85 -7.71 -9.28
N GLU B 89 23.12 -7.42 -8.95
CA GLU B 89 24.17 -8.37 -9.22
C GLU B 89 23.88 -9.73 -8.59
N ASP B 90 23.25 -9.74 -7.42
CA ASP B 90 23.01 -10.98 -6.70
C ASP B 90 21.83 -11.77 -7.26
N GLU B 91 21.17 -11.27 -8.29
CA GLU B 91 20.04 -11.94 -8.90
C GLU B 91 20.21 -12.25 -10.38
N ILE B 92 21.21 -11.66 -11.05
CA ILE B 92 21.27 -11.76 -12.51
C ILE B 92 21.41 -13.21 -12.96
N ASP B 93 22.19 -14.02 -12.22
CA ASP B 93 22.38 -15.41 -12.64
C ASP B 93 21.07 -16.18 -12.62
N GLU B 94 20.31 -16.05 -11.54
CA GLU B 94 19.03 -16.76 -11.46
C GLU B 94 18.06 -16.24 -12.52
N ILE B 95 18.06 -14.93 -12.75
CA ILE B 95 17.22 -14.34 -13.79
C ILE B 95 17.53 -14.97 -15.14
N LEU B 96 18.81 -15.08 -15.47
CA LEU B 96 19.19 -15.66 -16.75
C LEU B 96 18.84 -17.14 -16.83
N SER B 97 18.79 -17.83 -15.69
CA SER B 97 18.39 -19.24 -15.72
C SER B 97 16.90 -19.39 -15.98
N LEU B 98 16.11 -18.39 -15.63
CA LEU B 98 14.66 -18.47 -15.73
C LEU B 98 14.11 -17.87 -17.02
N CYS B 99 14.74 -16.83 -17.54
CA CYS B 99 14.16 -16.02 -18.60
C CYS B 99 14.76 -16.37 -19.96
N ASP B 100 13.94 -16.25 -20.99
CA ASP B 100 14.39 -16.42 -22.37
C ASP B 100 14.62 -15.10 -23.09
N HIS B 101 14.00 -14.02 -22.63
CA HIS B 101 14.25 -12.67 -23.13
C HIS B 101 14.51 -11.77 -21.93
N VAL B 102 15.57 -10.97 -22.00
CA VAL B 102 15.98 -10.12 -20.88
C VAL B 102 16.24 -8.73 -21.43
N ILE B 103 15.52 -7.73 -20.90
CA ILE B 103 15.55 -6.37 -21.43
C ILE B 103 16.30 -5.48 -20.44
N PHE B 104 17.27 -4.73 -20.96
CA PHE B 104 18.06 -3.82 -20.15
C PHE B 104 17.61 -2.38 -20.36
N ASN B 105 17.80 -1.56 -19.33
CA ASN B 105 17.25 -0.22 -19.32
C ASN B 105 18.24 0.83 -19.82
N SER B 106 19.52 0.49 -19.91
CA SER B 106 20.56 1.45 -20.26
C SER B 106 21.73 0.70 -20.84
N PHE B 107 22.61 1.44 -21.52
CA PHE B 107 23.81 0.82 -22.06
C PHE B 107 24.78 0.42 -20.96
N SER B 108 24.81 1.16 -19.84
CA SER B 108 25.62 0.75 -18.71
CA SER B 108 25.62 0.75 -18.71
C SER B 108 25.16 -0.60 -18.18
N GLN B 109 23.85 -0.80 -18.06
CA GLN B 109 23.33 -2.08 -17.60
C GLN B 109 23.68 -3.19 -18.58
N TRP B 110 23.47 -2.95 -19.88
CA TRP B 110 23.78 -3.96 -20.89
C TRP B 110 25.25 -4.36 -20.84
N GLU B 111 26.14 -3.37 -20.82
CA GLU B 111 27.57 -3.69 -20.83
C GLU B 111 28.00 -4.41 -19.56
N LYS B 112 27.36 -4.09 -18.43
CA LYS B 112 27.70 -4.76 -17.18
C LYS B 112 27.41 -6.25 -17.25
N TYR B 113 26.28 -6.63 -17.85
CA TYR B 113 25.82 -8.01 -17.84
C TYR B 113 25.98 -8.73 -19.16
N LYS B 114 26.58 -8.07 -20.17
CA LYS B 114 26.63 -8.65 -21.51
C LYS B 114 27.33 -10.01 -21.52
N ALA B 115 28.47 -10.13 -20.84
CA ALA B 115 29.20 -11.39 -20.87
C ALA B 115 28.37 -12.52 -20.29
N LYS B 116 27.67 -12.28 -19.17
CA LYS B 116 26.81 -13.32 -18.61
C LYS B 116 25.67 -13.66 -19.56
N VAL B 117 25.08 -12.65 -20.20
CA VAL B 117 23.99 -12.90 -21.14
C VAL B 117 24.46 -13.79 -22.28
N LEU B 118 25.59 -13.44 -22.89
CA LEU B 118 26.09 -14.25 -24.01
C LEU B 118 26.36 -15.69 -23.57
N ALA B 119 26.98 -15.86 -22.40
CA ALA B 119 27.24 -17.21 -21.91
C ALA B 119 25.94 -17.99 -21.67
N SER B 120 24.87 -17.29 -21.25
CA SER B 120 23.60 -17.95 -20.96
C SER B 120 22.86 -18.37 -22.22
N GLY B 121 23.13 -17.72 -23.35
CA GLY B 121 22.43 -18.01 -24.59
C GLY B 121 21.03 -17.40 -24.66
N LYS B 122 20.61 -16.60 -23.69
CA LYS B 122 19.30 -15.99 -23.74
C LYS B 122 19.33 -14.72 -24.60
N SER B 123 18.15 -14.21 -24.92
CA SER B 123 18.00 -13.15 -25.91
C SER B 123 17.90 -11.80 -25.20
N ALA B 124 18.81 -10.88 -25.54
CA ALA B 124 18.90 -9.59 -24.88
C ALA B 124 18.22 -8.50 -25.70
N GLY B 125 17.55 -7.58 -25.00
CA GLY B 125 16.97 -6.42 -25.63
C GLY B 125 17.29 -5.16 -24.82
N LEU B 126 16.88 -4.03 -25.39
CA LEU B 126 17.01 -2.74 -24.75
C LEU B 126 15.66 -2.03 -24.77
N ARG B 127 15.35 -1.32 -23.69
CA ARG B 127 14.16 -0.50 -23.65
C ARG B 127 14.47 0.89 -24.18
N LEU B 128 13.65 1.36 -25.11
CA LEU B 128 13.78 2.67 -25.72
C LEU B 128 12.78 3.62 -25.08
N ASN B 129 13.20 4.88 -24.94
CA ASN B 129 12.31 5.97 -24.53
C ASN B 129 12.10 6.86 -25.75
N PRO B 130 10.99 6.72 -26.47
CA PRO B 130 10.80 7.53 -27.68
C PRO B 130 10.43 8.98 -27.42
N GLU B 131 10.30 9.38 -26.15
CA GLU B 131 10.05 10.78 -25.79
C GLU B 131 8.84 11.33 -26.51
N HIS B 132 7.80 10.52 -26.62
CA HIS B 132 6.54 10.91 -27.26
C HIS B 132 5.42 10.68 -26.26
N SER B 133 5.08 11.72 -25.51
CA SER B 133 4.06 11.60 -24.46
C SER B 133 2.67 11.57 -25.07
N THR B 134 1.90 10.54 -24.71
CA THR B 134 0.50 10.46 -25.10
C THR B 134 -0.44 10.27 -23.92
N GLN B 135 0.08 10.11 -22.70
CA GLN B 135 -0.77 9.92 -21.54
C GLN B 135 -1.22 11.27 -20.99
N ASP B 136 -2.37 11.26 -20.33
CA ASP B 136 -2.92 12.51 -19.79
C ASP B 136 -2.06 13.02 -18.64
N HIS B 137 -1.70 12.14 -17.70
CA HIS B 137 -1.04 12.55 -16.47
C HIS B 137 0.47 12.30 -16.59
N ALA B 138 1.23 13.39 -16.64
CA ALA B 138 2.66 13.29 -16.90
C ALA B 138 3.39 12.49 -15.83
N ILE B 139 2.90 12.49 -14.59
CA ILE B 139 3.59 11.77 -13.52
C ILE B 139 3.66 10.29 -13.81
N TYR B 140 2.72 9.75 -14.57
CA TYR B 140 2.67 8.33 -14.89
C TYR B 140 3.24 8.00 -16.26
N ASP B 141 3.72 9.00 -16.99
CA ASP B 141 4.05 8.84 -18.40
C ASP B 141 5.53 8.53 -18.54
N PRO B 142 5.91 7.33 -19.00
CA PRO B 142 7.34 7.00 -19.11
C PRO B 142 8.10 7.87 -20.11
N CYS B 143 7.41 8.68 -20.92
CA CYS B 143 8.07 9.56 -21.87
C CYS B 143 8.24 10.98 -21.34
N SER B 144 7.75 11.26 -20.14
CA SER B 144 7.89 12.60 -19.59
C SER B 144 9.35 12.96 -19.41
N PRO B 145 9.69 14.25 -19.48
CA PRO B 145 11.09 14.65 -19.27
C PRO B 145 11.61 14.14 -17.93
N GLY B 146 12.87 13.70 -17.93
CA GLY B 146 13.49 13.18 -16.73
C GLY B 146 13.15 11.75 -16.39
N SER B 147 12.38 11.07 -17.25
CA SER B 147 12.04 9.67 -17.00
C SER B 147 13.29 8.80 -16.89
N ARG B 148 13.27 7.89 -15.93
CA ARG B 148 14.34 6.92 -15.76
C ARG B 148 14.16 5.66 -16.58
N LEU B 149 13.11 5.59 -17.40
CA LEU B 149 12.72 4.36 -18.09
C LEU B 149 13.06 4.46 -19.56
N GLY B 150 13.95 3.58 -20.02
CA GLY B 150 14.29 3.49 -21.42
C GLY B 150 15.40 4.45 -21.83
N ILE B 151 15.95 4.19 -23.01
CA ILE B 151 17.07 4.95 -23.56
C ILE B 151 16.53 5.93 -24.58
N THR B 152 16.82 7.21 -24.39
CA THR B 152 16.44 8.23 -25.36
C THR B 152 17.40 8.22 -26.54
N LEU B 153 16.94 8.75 -27.68
CA LEU B 153 17.76 8.75 -28.88
C LEU B 153 19.11 9.42 -28.64
N LYS B 154 19.12 10.56 -27.95
CA LYS B 154 20.37 11.27 -27.76
C LYS B 154 21.38 10.44 -26.96
N LYS B 155 20.92 9.45 -26.22
CA LYS B 155 21.78 8.57 -25.42
C LYS B 155 22.02 7.23 -26.09
N PHE B 156 21.48 7.01 -27.28
CA PHE B 156 21.56 5.71 -27.93
C PHE B 156 22.96 5.50 -28.49
N ARG B 157 23.47 4.29 -28.34
CA ARG B 157 24.84 3.93 -28.75
C ARG B 157 24.80 2.85 -29.82
N PRO B 158 24.67 3.23 -31.10
CA PRO B 158 24.65 2.21 -32.15
C PRO B 158 25.89 1.33 -32.17
N ASP B 159 27.03 1.84 -31.68
CA ASP B 159 28.26 1.05 -31.67
C ASP B 159 28.26 -0.05 -30.62
N LEU B 160 27.26 -0.10 -29.74
CA LEU B 160 27.21 -1.07 -28.65
C LEU B 160 26.08 -2.09 -28.81
N LEU B 161 25.55 -2.24 -30.02
CA LEU B 161 24.41 -3.11 -30.25
C LEU B 161 24.78 -4.56 -30.57
N ASP B 162 26.06 -4.89 -30.65
CA ASP B 162 26.44 -6.29 -30.85
C ASP B 162 25.87 -7.13 -29.71
N GLY B 163 25.11 -8.16 -30.06
CA GLY B 163 24.49 -9.03 -29.10
C GLY B 163 23.05 -8.67 -28.76
N ILE B 164 22.58 -7.50 -29.16
CA ILE B 164 21.21 -7.11 -28.89
C ILE B 164 20.31 -7.70 -29.97
N GLU B 165 19.27 -8.41 -29.53
CA GLU B 165 18.34 -9.06 -30.44
C GLU B 165 16.96 -8.44 -30.42
N GLY B 166 16.67 -7.54 -29.48
CA GLY B 166 15.35 -6.94 -29.43
C GLY B 166 15.36 -5.52 -28.91
N LEU B 167 14.31 -4.80 -29.27
CA LEU B 167 14.04 -3.48 -28.72
C LEU B 167 12.62 -3.45 -28.18
N HIS B 168 12.45 -2.69 -27.10
CA HIS B 168 11.24 -2.69 -26.29
C HIS B 168 10.88 -1.25 -26.00
N PHE B 169 9.58 -0.96 -25.94
CA PHE B 169 9.11 0.29 -25.37
C PHE B 169 7.80 0.02 -24.63
N HIS B 170 7.55 0.83 -23.60
CA HIS B 170 6.29 0.78 -22.87
C HIS B 170 5.96 2.21 -22.49
N THR B 171 4.88 2.75 -23.06
CA THR B 171 4.59 4.17 -22.92
C THR B 171 3.13 4.47 -22.71
N LEU B 172 2.26 3.47 -22.70
CA LEU B 172 0.82 3.69 -22.69
C LEU B 172 0.20 3.19 -21.38
N CYS B 173 -1.03 3.64 -21.14
CA CYS B 173 -1.84 3.15 -20.02
C CYS B 173 -3.30 3.32 -20.38
N GLU B 174 -4.03 2.21 -20.49
CA GLU B 174 -5.46 2.24 -20.74
C GLU B 174 -5.81 3.02 -22.00
N GLN B 175 -5.05 2.77 -23.07
CA GLN B 175 -5.15 3.57 -24.28
C GLN B 175 -5.55 2.71 -25.46
N ASP B 176 -6.09 3.38 -26.48
CA ASP B 176 -6.56 2.71 -27.67
C ASP B 176 -5.41 2.48 -28.65
N ALA B 177 -5.74 2.07 -29.87
CA ALA B 177 -4.71 1.71 -30.82
C ALA B 177 -3.98 2.94 -31.38
N ALA B 178 -4.69 4.05 -31.55
CA ALA B 178 -4.09 5.20 -32.21
C ALA B 178 -2.83 5.69 -31.51
N PRO B 179 -2.78 5.85 -30.19
CA PRO B 179 -1.52 6.27 -29.56
C PRO B 179 -0.39 5.28 -29.79
N LEU B 180 -0.69 3.99 -29.91
CA LEU B 180 0.35 3.02 -30.23
C LEU B 180 0.87 3.23 -31.65
N VAL B 181 -0.05 3.37 -32.60
CA VAL B 181 0.34 3.62 -33.99
C VAL B 181 1.23 4.86 -34.07
N GLU B 182 0.82 5.93 -33.39
CA GLU B 182 1.59 7.17 -33.37
C GLU B 182 2.97 6.95 -32.75
N THR B 183 3.03 6.19 -31.65
CA THR B 183 4.31 5.95 -30.99
C THR B 183 5.22 5.08 -31.84
N VAL B 184 4.65 4.06 -32.51
CA VAL B 184 5.44 3.23 -33.42
C VAL B 184 6.05 4.10 -34.52
N ALA B 185 5.29 5.06 -35.04
CA ALA B 185 5.84 5.93 -36.08
C ALA B 185 7.02 6.74 -35.55
N VAL B 186 6.96 7.20 -34.30
CA VAL B 186 8.07 7.92 -33.71
C VAL B 186 9.27 7.00 -33.54
N VAL B 187 9.04 5.77 -33.08
CA VAL B 187 10.12 4.81 -32.93
C VAL B 187 10.80 4.55 -34.26
N GLU B 188 10.02 4.45 -35.35
CA GLU B 188 10.61 4.27 -36.67
C GLU B 188 11.41 5.50 -37.11
N GLU B 189 10.88 6.69 -36.84
CA GLU B 189 11.57 7.92 -37.23
C GLU B 189 12.90 8.07 -36.50
N LYS B 190 12.93 7.72 -35.21
CA LYS B 190 14.13 7.91 -34.39
C LYS B 190 15.08 6.72 -34.43
N PHE B 191 14.57 5.50 -34.38
CA PHE B 191 15.40 4.31 -34.25
C PHE B 191 15.34 3.41 -35.49
N GLY B 192 14.69 3.87 -36.56
CA GLY B 192 14.48 3.04 -37.73
C GLY B 192 15.70 2.29 -38.23
N PRO B 193 16.87 2.91 -38.30
CA PRO B 193 18.04 2.23 -38.88
C PRO B 193 18.49 0.99 -38.13
N TRP B 194 18.00 0.77 -36.91
CA TRP B 194 18.44 -0.34 -36.08
C TRP B 194 17.36 -1.39 -35.86
N LEU B 195 16.20 -1.24 -36.51
CA LEU B 195 15.11 -2.19 -36.30
C LEU B 195 15.30 -3.47 -37.12
N SER B 196 15.81 -3.35 -38.34
CA SER B 196 15.92 -4.50 -39.23
C SER B 196 16.77 -5.61 -38.62
N GLN B 197 17.84 -5.25 -37.91
CA GLN B 197 18.76 -6.23 -37.37
C GLN B 197 18.23 -6.96 -36.14
N MET B 198 17.09 -6.54 -35.61
CA MET B 198 16.51 -7.18 -34.44
C MET B 198 15.73 -8.42 -34.85
N LYS B 199 15.66 -9.37 -33.91
CA LYS B 199 14.80 -10.54 -34.07
C LYS B 199 13.39 -10.28 -33.57
N TRP B 200 13.24 -9.39 -32.59
CA TRP B 200 11.93 -9.13 -32.00
C TRP B 200 11.83 -7.67 -31.58
N LEU B 201 10.60 -7.18 -31.57
CA LEU B 201 10.25 -5.88 -31.00
C LEU B 201 9.11 -6.11 -30.02
N ASN B 202 9.13 -5.37 -28.93
CA ASN B 202 8.11 -5.49 -27.89
C ASN B 202 7.48 -4.11 -27.68
N PHE B 203 6.17 -4.03 -27.94
CA PHE B 203 5.42 -2.77 -27.86
C PHE B 203 4.88 -2.49 -26.46
N GLY B 204 5.27 -3.28 -25.47
CA GLY B 204 4.87 -2.98 -24.11
C GLY B 204 3.41 -3.27 -23.83
N GLY B 205 2.93 -2.68 -22.74
CA GLY B 205 1.57 -2.79 -22.31
C GLY B 205 0.82 -1.47 -22.43
N GLY B 206 -0.26 -1.36 -21.66
CA GLY B 206 -1.09 -0.18 -21.72
C GLY B 206 -2.09 -0.19 -22.84
N HIS B 207 -2.16 -1.28 -23.60
CA HIS B 207 -3.09 -1.40 -24.71
C HIS B 207 -4.41 -1.93 -24.15
N HIS B 208 -5.45 -1.11 -24.26
CA HIS B 208 -6.77 -1.40 -23.70
C HIS B 208 -7.54 -2.33 -24.62
N ILE B 209 -6.89 -3.45 -25.01
CA ILE B 209 -7.36 -4.27 -26.11
C ILE B 209 -8.72 -4.88 -25.83
N THR B 210 -9.03 -5.16 -24.57
CA THR B 210 -10.27 -5.83 -24.21
C THR B 210 -11.35 -4.87 -23.75
N ARG B 211 -11.10 -3.57 -23.81
CA ARG B 211 -12.15 -2.60 -23.53
C ARG B 211 -13.06 -2.48 -24.74
N PRO B 212 -14.38 -2.58 -24.57
CA PRO B 212 -15.28 -2.47 -25.73
C PRO B 212 -15.02 -1.18 -26.51
N GLY B 213 -14.93 -1.32 -27.83
CA GLY B 213 -14.67 -0.21 -28.71
C GLY B 213 -13.22 -0.05 -29.14
N TYR B 214 -12.29 -0.77 -28.51
CA TYR B 214 -10.90 -0.70 -28.92
C TYR B 214 -10.78 -1.05 -30.40
N ASP B 215 -9.93 -0.30 -31.11
CA ASP B 215 -9.77 -0.46 -32.55
C ASP B 215 -8.81 -1.62 -32.84
N ILE B 216 -9.34 -2.83 -32.73
CA ILE B 216 -8.54 -4.04 -32.95
C ILE B 216 -7.95 -4.03 -34.36
N ASP B 217 -8.74 -3.61 -35.35
CA ASP B 217 -8.24 -3.63 -36.73
C ASP B 217 -7.01 -2.74 -36.88
N ALA B 218 -6.98 -1.58 -36.22
CA ALA B 218 -5.82 -0.72 -36.33
C ALA B 218 -4.60 -1.34 -35.67
N LEU B 219 -4.79 -1.98 -34.51
CA LEU B 219 -3.70 -2.70 -33.87
C LEU B 219 -3.16 -3.80 -34.77
N VAL B 220 -4.07 -4.60 -35.33
CA VAL B 220 -3.68 -5.70 -36.21
C VAL B 220 -2.87 -5.18 -37.40
N SER B 221 -3.36 -4.10 -38.02
CA SER B 221 -2.67 -3.54 -39.18
C SER B 221 -1.28 -3.05 -38.81
N CYS B 222 -1.16 -2.38 -37.67
CA CYS B 222 0.13 -1.85 -37.24
C CYS B 222 1.12 -2.97 -36.94
N VAL B 223 0.71 -3.93 -36.12
CA VAL B 223 1.57 -5.08 -35.79
C VAL B 223 2.01 -5.79 -37.06
N SER B 224 1.06 -6.06 -37.97
CA SER B 224 1.41 -6.79 -39.19
C SER B 224 2.40 -6.01 -40.05
N ARG B 225 2.20 -4.70 -40.19
CA ARG B 225 3.08 -3.90 -41.02
C ARG B 225 4.50 -3.90 -40.46
N VAL B 226 4.64 -3.78 -39.15
CA VAL B 226 5.96 -3.75 -38.54
C VAL B 226 6.65 -5.10 -38.68
N GLN B 227 5.92 -6.18 -38.39
CA GLN B 227 6.51 -7.51 -38.54
C GLN B 227 7.00 -7.73 -39.96
N GLU B 228 6.21 -7.31 -40.96
CA GLU B 228 6.60 -7.51 -42.35
C GLU B 228 7.76 -6.61 -42.74
N ARG B 229 7.69 -5.33 -42.41
CA ARG B 229 8.71 -4.41 -42.88
C ARG B 229 10.09 -4.78 -42.36
N TYR B 230 10.17 -5.16 -41.08
CA TYR B 230 11.47 -5.38 -40.43
C TYR B 230 11.79 -6.84 -40.21
N GLY B 231 10.89 -7.76 -40.55
CA GLY B 231 11.16 -9.18 -40.35
C GLY B 231 11.39 -9.51 -38.90
N VAL B 232 10.49 -9.05 -38.04
CA VAL B 232 10.61 -9.22 -36.60
C VAL B 232 9.38 -9.93 -36.06
N GLN B 233 9.57 -10.58 -34.92
CA GLN B 233 8.47 -11.06 -34.09
C GLN B 233 8.06 -9.92 -33.16
N VAL B 234 6.82 -9.47 -33.26
CA VAL B 234 6.31 -8.46 -32.35
C VAL B 234 5.69 -9.13 -31.13
N TYR B 235 5.96 -8.55 -29.97
CA TYR B 235 5.34 -8.92 -28.70
C TYR B 235 4.51 -7.76 -28.19
N LEU B 236 3.35 -8.10 -27.62
CA LEU B 236 2.58 -7.20 -26.78
C LEU B 236 2.54 -7.78 -25.38
N GLU B 237 2.54 -6.92 -24.36
CA GLU B 237 2.57 -7.37 -22.96
C GLU B 237 1.57 -6.60 -22.14
N PRO B 238 0.28 -6.74 -22.44
CA PRO B 238 -0.75 -6.12 -21.60
C PRO B 238 -0.81 -6.77 -20.23
N GLY B 239 -1.18 -5.96 -19.24
CA GLY B 239 -1.48 -6.47 -17.92
C GLY B 239 -2.97 -6.32 -17.64
N GLU B 240 -3.40 -5.06 -17.50
CA GLU B 240 -4.79 -4.77 -17.19
C GLU B 240 -5.74 -5.47 -18.15
N ALA B 241 -5.42 -5.48 -19.45
CA ALA B 241 -6.37 -6.02 -20.42
C ALA B 241 -6.71 -7.48 -20.15
N VAL B 242 -5.79 -8.23 -19.55
CA VAL B 242 -6.04 -9.65 -19.30
C VAL B 242 -7.17 -9.84 -18.30
N ALA B 243 -7.20 -9.02 -17.24
CA ALA B 243 -8.11 -9.23 -16.12
C ALA B 243 -9.12 -8.10 -15.94
N LEU B 244 -9.24 -7.20 -16.91
CA LEU B 244 -10.23 -6.14 -16.85
C LEU B 244 -11.62 -6.70 -16.64
N ASN B 245 -12.33 -6.16 -15.64
CA ASN B 245 -13.72 -6.53 -15.35
C ASN B 245 -13.90 -8.04 -15.23
N ALA B 246 -12.93 -8.70 -14.61
CA ALA B 246 -12.96 -10.14 -14.42
C ALA B 246 -12.91 -10.56 -12.96
N GLY B 247 -12.96 -9.62 -12.02
CA GLY B 247 -12.94 -9.97 -10.61
C GLY B 247 -13.76 -9.00 -9.79
N PHE B 248 -14.06 -9.44 -8.56
CA PHE B 248 -14.93 -8.70 -7.65
C PHE B 248 -14.30 -8.75 -6.26
N LEU B 249 -14.71 -7.80 -5.42
CA LEU B 249 -14.41 -7.81 -4.00
C LEU B 249 -15.75 -7.76 -3.27
N VAL B 250 -16.05 -8.79 -2.50
CA VAL B 250 -17.32 -8.92 -1.80
C VAL B 250 -17.09 -8.56 -0.34
N SER B 251 -17.94 -7.69 0.19
CA SER B 251 -17.83 -7.20 1.57
C SER B 251 -19.19 -7.28 2.23
N THR B 252 -19.18 -7.45 3.55
CA THR B 252 -20.39 -7.42 4.36
C THR B 252 -20.42 -6.15 5.19
N VAL B 253 -21.59 -5.53 5.28
CA VAL B 253 -21.80 -4.39 6.16
C VAL B 253 -21.77 -4.86 7.60
N LEU B 254 -20.96 -4.21 8.43
CA LEU B 254 -20.84 -4.56 9.84
C LEU B 254 -21.70 -3.69 10.75
N ASP B 255 -21.86 -2.40 10.43
CA ASP B 255 -22.64 -1.49 11.25
C ASP B 255 -23.10 -0.34 10.36
N VAL B 256 -24.24 0.25 10.72
CA VAL B 256 -24.75 1.44 10.06
C VAL B 256 -25.04 2.47 11.15
N LEU B 257 -24.61 3.70 10.94
CA LEU B 257 -24.84 4.76 11.91
C LEU B 257 -25.17 6.04 11.16
N GLU B 258 -25.60 7.05 11.92
CA GLU B 258 -26.03 8.32 11.36
C GLU B 258 -25.17 9.44 11.93
N ASN B 259 -24.60 10.24 11.04
CA ASN B 259 -23.86 11.43 11.45
C ASN B 259 -23.85 12.37 10.24
N SER B 260 -24.80 13.31 10.22
CA SER B 260 -25.00 14.16 9.04
C SER B 260 -25.16 13.31 7.79
N GLY B 261 -25.92 12.23 7.90
CA GLY B 261 -26.13 11.29 6.82
C GLY B 261 -25.91 9.85 7.26
N ASN B 262 -26.28 8.94 6.36
CA ASN B 262 -26.12 7.52 6.63
C ASN B 262 -24.68 7.09 6.36
N ILE B 263 -24.14 6.30 7.28
CA ILE B 263 -22.79 5.77 7.18
C ILE B 263 -22.88 4.27 7.34
N ALA B 264 -22.17 3.53 6.47
CA ALA B 264 -22.06 2.09 6.61
C ALA B 264 -20.59 1.74 6.81
N VAL B 265 -20.30 0.97 7.85
CA VAL B 265 -18.97 0.43 8.09
C VAL B 265 -18.91 -0.96 7.47
N LEU B 266 -18.05 -1.13 6.49
CA LEU B 266 -17.90 -2.39 5.79
C LEU B 266 -16.76 -3.21 6.40
N ASP B 267 -16.74 -4.50 6.08
CA ASP B 267 -15.66 -5.36 6.53
C ASP B 267 -14.47 -5.38 5.57
N THR B 268 -14.50 -4.57 4.51
CA THR B 268 -13.34 -4.34 3.66
C THR B 268 -12.84 -2.90 3.83
N SER B 269 -11.54 -2.73 3.65
CA SER B 269 -10.86 -1.44 3.78
C SER B 269 -10.32 -1.03 2.42
N ALA B 270 -10.54 0.23 2.04
CA ALA B 270 -9.89 0.73 0.84
C ALA B 270 -8.37 0.79 1.04
N ALA B 271 -7.95 1.35 2.18
CA ALA B 271 -6.53 1.51 2.43
C ALA B 271 -5.78 0.19 2.35
N CYS B 272 -6.39 -0.90 2.83
CA CYS B 272 -5.72 -2.19 2.88
C CYS B 272 -5.99 -3.05 1.66
N HIS B 273 -7.20 -2.99 1.10
CA HIS B 273 -7.65 -4.00 0.15
C HIS B 273 -7.85 -3.49 -1.26
N MET B 274 -8.00 -2.18 -1.45
CA MET B 274 -8.06 -1.59 -2.79
C MET B 274 -7.40 -0.22 -2.72
N PRO B 275 -6.11 -0.20 -2.45
CA PRO B 275 -5.45 1.07 -2.11
C PRO B 275 -5.51 2.12 -3.21
N ASP B 276 -5.61 1.72 -4.48
CA ASP B 276 -5.72 2.70 -5.55
C ASP B 276 -6.98 3.56 -5.41
N VAL B 277 -8.01 3.04 -4.75
CA VAL B 277 -9.23 3.82 -4.55
C VAL B 277 -8.90 5.13 -3.83
N LEU B 278 -8.04 5.07 -2.83
CA LEU B 278 -7.65 6.27 -2.10
C LEU B 278 -6.50 7.01 -2.77
N GLU B 279 -5.56 6.29 -3.37
CA GLU B 279 -4.34 6.92 -3.85
C GLU B 279 -4.53 7.67 -5.15
N MET B 280 -5.33 7.13 -6.07
CA MET B 280 -5.45 7.74 -7.40
C MET B 280 -6.02 9.15 -7.34
N PRO B 281 -7.21 9.39 -6.80
CA PRO B 281 -8.18 8.41 -6.29
C PRO B 281 -9.12 7.98 -7.39
N TYR B 282 -9.98 6.99 -7.15
CA TYR B 282 -11.04 6.65 -8.09
C TYR B 282 -12.17 5.98 -7.34
N ARG B 283 -13.33 5.92 -7.99
CA ARG B 283 -14.54 5.42 -7.38
C ARG B 283 -14.86 4.05 -7.96
N PRO B 284 -14.76 2.96 -7.20
CA PRO B 284 -15.00 1.64 -7.76
C PRO B 284 -16.48 1.43 -8.04
N PRO B 285 -16.83 0.63 -9.05
CA PRO B 285 -18.25 0.33 -9.26
C PRO B 285 -18.75 -0.66 -8.22
N ILE B 286 -19.98 -0.42 -7.77
CA ILE B 286 -20.69 -1.34 -6.88
C ILE B 286 -21.94 -1.82 -7.58
N ALA B 287 -22.14 -3.14 -7.59
CA ALA B 287 -23.35 -3.69 -8.18
C ALA B 287 -24.57 -3.19 -7.41
N GLY B 288 -25.53 -2.62 -8.14
CA GLY B 288 -26.71 -2.04 -7.52
C GLY B 288 -26.49 -0.68 -6.91
N GLY B 289 -25.28 -0.14 -6.96
CA GLY B 289 -24.99 1.17 -6.40
C GLY B 289 -25.04 2.24 -7.47
N GLY B 290 -25.55 3.42 -7.07
CA GLY B 290 -25.58 4.58 -7.93
C GLY B 290 -24.81 5.74 -7.31
N GLY B 291 -24.82 6.86 -8.03
CA GLY B 291 -24.24 8.07 -7.51
C GLY B 291 -25.14 8.70 -6.46
N LEU B 292 -24.58 9.67 -5.74
CA LEU B 292 -25.35 10.38 -4.73
C LEU B 292 -26.61 10.97 -5.33
N GLY B 293 -27.74 10.74 -4.65
CA GLY B 293 -29.01 11.29 -5.07
C GLY B 293 -29.71 10.54 -6.19
N GLU B 294 -29.08 9.51 -6.75
CA GLU B 294 -29.65 8.79 -7.89
C GLU B 294 -30.65 7.72 -7.46
N LYS B 295 -30.44 7.10 -6.31
CA LYS B 295 -31.38 6.14 -5.74
C LYS B 295 -31.82 6.64 -4.37
N ALA B 296 -32.63 5.83 -3.68
CA ALA B 296 -33.43 6.33 -2.56
C ALA B 296 -32.59 6.63 -1.32
N TYR B 297 -31.49 5.93 -1.09
CA TYR B 297 -30.69 6.07 0.13
C TYR B 297 -29.25 6.40 -0.25
N ASP B 298 -28.72 7.49 0.31
CA ASP B 298 -27.32 7.82 0.17
C ASP B 298 -26.54 7.30 1.37
N TYR B 299 -25.38 6.69 1.10
CA TYR B 299 -24.49 6.21 2.14
C TYR B 299 -23.06 6.63 1.85
N ARG B 300 -22.33 6.96 2.90
CA ARG B 300 -20.88 7.01 2.86
C ARG B 300 -20.36 5.67 3.39
N LEU B 301 -19.57 4.98 2.57
CA LEU B 301 -19.06 3.67 2.93
C LEU B 301 -17.64 3.83 3.48
N GLY B 302 -17.41 3.33 4.69
CA GLY B 302 -16.11 3.44 5.32
C GLY B 302 -15.59 2.08 5.73
N GLY B 303 -14.29 2.02 5.97
CA GLY B 303 -13.63 0.79 6.31
C GLY B 303 -13.69 0.48 7.79
N PRO B 304 -13.30 -0.74 8.15
CA PRO B 304 -13.24 -1.15 9.57
C PRO B 304 -11.92 -0.82 10.25
N THR B 305 -11.11 0.02 9.63
CA THR B 305 -9.84 0.47 10.18
C THR B 305 -10.05 1.66 11.10
N CYS B 306 -9.00 1.99 11.87
N CYS B 306 -9.05 1.90 11.95
CA CYS B 306 -9.03 3.15 12.75
CA CYS B 306 -8.98 3.15 12.72
C CYS B 306 -8.69 4.46 12.04
C CYS B 306 -8.26 4.21 11.89
N LEU B 307 -8.83 4.47 10.72
CA LEU B 307 -8.34 5.54 9.85
C LEU B 307 -9.52 6.41 9.45
N ALA B 308 -9.46 7.69 9.82
CA ALA B 308 -10.52 8.61 9.45
C ALA B 308 -10.68 8.66 7.93
N GLY B 309 -9.58 8.57 7.21
CA GLY B 309 -9.59 8.72 5.78
C GLY B 309 -9.88 7.46 4.99
N ASP B 310 -10.15 6.33 5.65
CA ASP B 310 -10.44 5.08 4.95
C ASP B 310 -11.92 5.07 4.57
N VAL B 311 -12.26 5.96 3.64
CA VAL B 311 -13.62 6.14 3.13
C VAL B 311 -13.61 5.68 1.69
N ILE B 312 -14.42 4.64 1.42
CA ILE B 312 -14.44 4.04 0.09
C ILE B 312 -15.13 4.96 -0.91
N GLY B 313 -16.23 5.59 -0.50
CA GLY B 313 -16.94 6.50 -1.37
C GLY B 313 -18.37 6.66 -0.94
N ASP B 314 -19.07 7.53 -1.66
CA ASP B 314 -20.47 7.83 -1.44
C ASP B 314 -21.30 7.19 -2.55
N TYR B 315 -22.28 6.38 -2.15
CA TYR B 315 -23.09 5.60 -3.10
C TYR B 315 -24.55 5.63 -2.66
N SER B 316 -25.44 5.47 -3.64
CA SER B 316 -26.85 5.35 -3.35
C SER B 316 -27.36 3.95 -3.67
N PHE B 317 -28.41 3.54 -2.95
CA PHE B 317 -29.03 2.24 -3.12
C PHE B 317 -30.54 2.38 -3.04
N ASP B 318 -31.25 1.45 -3.70
CA ASP B 318 -32.70 1.52 -3.75
C ASP B 318 -33.34 1.10 -2.43
N GLU B 319 -32.65 0.27 -1.65
CA GLU B 319 -33.12 -0.21 -0.37
C GLU B 319 -32.02 0.01 0.66
N PRO B 320 -32.35 -0.02 1.95
CA PRO B 320 -31.34 0.26 2.96
C PRO B 320 -30.22 -0.77 2.97
N LEU B 321 -29.04 -0.33 3.38
CA LEU B 321 -27.98 -1.23 3.80
C LEU B 321 -28.14 -1.48 5.29
N SER B 322 -27.98 -2.73 5.70
CA SER B 322 -28.10 -3.16 7.08
CA SER B 322 -28.11 -3.15 7.08
C SER B 322 -26.92 -4.04 7.42
N PRO B 323 -26.64 -4.24 8.71
CA PRO B 323 -25.64 -5.23 9.07
C PRO B 323 -26.03 -6.58 8.47
N GLY B 324 -25.10 -7.19 7.75
CA GLY B 324 -25.36 -8.40 7.02
C GLY B 324 -25.55 -8.20 5.53
N SER B 325 -25.84 -6.97 5.09
CA SER B 325 -25.92 -6.70 3.67
C SER B 325 -24.58 -6.98 3.01
N ARG B 326 -24.64 -7.51 1.79
CA ARG B 326 -23.44 -7.75 0.99
C ARG B 326 -23.31 -6.67 -0.07
N VAL B 327 -22.09 -6.16 -0.24
CA VAL B 327 -21.76 -5.13 -1.22
C VAL B 327 -20.70 -5.73 -2.13
N VAL B 328 -20.90 -5.63 -3.45
CA VAL B 328 -20.01 -6.25 -4.42
C VAL B 328 -19.34 -5.16 -5.24
N PHE B 329 -18.03 -5.01 -5.05
CA PHE B 329 -17.22 -4.10 -5.85
C PHE B 329 -16.75 -4.81 -7.11
N CYS B 330 -16.72 -4.09 -8.21
CA CYS B 330 -16.41 -4.67 -9.52
C CYS B 330 -15.06 -4.18 -10.03
N ASP B 331 -14.55 -4.90 -11.04
CA ASP B 331 -13.25 -4.61 -11.65
C ASP B 331 -12.13 -4.64 -10.60
N MET B 332 -12.17 -5.66 -9.76
CA MET B 332 -11.30 -5.78 -8.60
C MET B 332 -10.19 -6.82 -8.78
N ALA B 333 -10.01 -7.34 -9.99
CA ALA B 333 -8.94 -8.29 -10.22
C ALA B 333 -7.60 -7.60 -10.48
N ILE B 334 -7.62 -6.38 -11.03
CA ILE B 334 -6.41 -5.69 -11.48
C ILE B 334 -5.89 -4.78 -10.38
N TYR B 335 -4.55 -4.76 -10.24
CA TYR B 335 -3.86 -3.79 -9.40
C TYR B 335 -4.48 -3.72 -8.01
N SER B 336 -4.78 -4.90 -7.46
CA SER B 336 -5.43 -5.05 -6.16
C SER B 336 -4.68 -6.06 -5.31
N MET B 337 -4.88 -7.35 -5.56
CA MET B 337 -4.21 -8.39 -4.79
C MET B 337 -2.69 -8.28 -4.89
N VAL B 338 -2.18 -7.76 -6.01
CA VAL B 338 -0.74 -7.63 -6.21
C VAL B 338 -0.10 -6.57 -5.32
N LYS B 339 -0.91 -5.72 -4.66
CA LYS B 339 -0.33 -4.62 -3.90
C LYS B 339 -1.05 -4.34 -2.59
N ASN B 340 -1.85 -5.29 -2.09
CA ASN B 340 -2.59 -5.03 -0.86
C ASN B 340 -1.69 -5.22 0.37
N ASN B 341 -2.23 -4.92 1.55
CA ASN B 341 -1.39 -4.80 2.74
C ASN B 341 -2.21 -5.13 3.98
N THR B 342 -1.50 -5.20 5.12
CA THR B 342 -2.10 -5.53 6.42
C THR B 342 -2.01 -4.35 7.39
N PHE B 343 -2.08 -3.13 6.88
CA PHE B 343 -2.10 -1.94 7.72
C PHE B 343 -3.24 -2.05 8.75
N ASN B 344 -3.00 -1.55 9.96
CA ASN B 344 -3.94 -1.66 11.07
C ASN B 344 -4.16 -3.11 11.52
N GLY B 345 -3.39 -4.06 11.00
CA GLY B 345 -3.63 -5.45 11.30
C GLY B 345 -4.89 -6.03 10.68
N MET B 346 -5.45 -5.40 9.66
CA MET B 346 -6.60 -5.99 8.98
C MET B 346 -6.18 -7.29 8.29
N ASN B 347 -7.00 -8.32 8.44
CA ASN B 347 -6.76 -9.56 7.72
C ASN B 347 -6.95 -9.34 6.22
N LEU B 348 -6.10 -9.99 5.43
CA LEU B 348 -6.22 -9.92 3.98
C LEU B 348 -7.49 -10.63 3.53
N PRO B 349 -8.13 -10.13 2.48
CA PRO B 349 -9.32 -10.82 1.96
C PRO B 349 -8.93 -12.19 1.41
N ALA B 350 -9.84 -13.14 1.58
CA ALA B 350 -9.66 -14.44 0.96
C ALA B 350 -9.73 -14.29 -0.56
N ILE B 351 -9.21 -15.30 -1.26
CA ILE B 351 -9.19 -15.33 -2.72
C ILE B 351 -9.98 -16.54 -3.19
N TYR B 352 -11.00 -16.32 -4.00
CA TYR B 352 -11.82 -17.36 -4.57
C TYR B 352 -11.73 -17.33 -6.07
N LEU B 353 -11.98 -18.48 -6.69
CA LEU B 353 -12.03 -18.62 -8.14
C LEU B 353 -13.38 -19.20 -8.51
N LYS B 354 -14.16 -18.43 -9.27
CA LYS B 354 -15.41 -18.92 -9.82
C LYS B 354 -15.09 -19.61 -11.13
N LYS B 355 -15.30 -20.91 -11.19
CA LYS B 355 -14.89 -21.70 -12.33
C LYS B 355 -15.90 -21.56 -13.46
N GLN B 356 -15.44 -21.97 -14.65
CA GLN B 356 -16.27 -21.92 -15.84
C GLN B 356 -17.61 -22.61 -15.63
N ASP B 357 -17.63 -23.69 -14.84
CA ASP B 357 -18.86 -24.44 -14.63
C ASP B 357 -19.75 -23.84 -13.55
N GLY B 358 -19.39 -22.68 -12.99
CA GLY B 358 -20.20 -22.00 -12.00
C GLY B 358 -19.85 -22.31 -10.57
N SER B 359 -19.06 -23.36 -10.32
CA SER B 359 -18.63 -23.67 -8.98
C SER B 359 -17.61 -22.64 -8.50
N ILE B 360 -17.50 -22.51 -7.18
CA ILE B 360 -16.58 -21.56 -6.56
C ILE B 360 -15.58 -22.33 -5.70
N GLN B 361 -14.30 -22.04 -5.89
CA GLN B 361 -13.22 -22.70 -5.19
C GLN B 361 -12.51 -21.68 -4.32
N LEU B 362 -12.27 -22.04 -3.06
CA LEU B 362 -11.41 -21.24 -2.21
C LEU B 362 -9.96 -21.49 -2.60
N VAL B 363 -9.27 -20.45 -3.02
CA VAL B 363 -7.87 -20.59 -3.42
C VAL B 363 -6.93 -20.35 -2.25
N ARG B 364 -7.18 -19.30 -1.47
CA ARG B 364 -6.26 -18.88 -0.42
C ARG B 364 -7.04 -18.13 0.64
N LYS B 365 -6.82 -18.49 1.90
CA LYS B 365 -7.39 -17.81 3.05
C LYS B 365 -6.25 -17.43 3.98
N PHE B 366 -6.28 -16.21 4.50
CA PHE B 366 -5.18 -15.65 5.28
C PHE B 366 -5.56 -15.55 6.75
N GLY B 367 -4.55 -15.28 7.57
CA GLY B 367 -4.78 -15.13 8.98
C GLY B 367 -3.67 -14.40 9.71
N TYR B 368 -3.65 -14.57 11.02
CA TYR B 368 -2.75 -13.81 11.88
C TYR B 368 -1.30 -13.92 11.43
N GLU B 369 -0.86 -15.14 11.07
CA GLU B 369 0.54 -15.34 10.75
C GLU B 369 0.98 -14.49 9.56
N ASP B 370 0.08 -14.24 8.61
CA ASP B 370 0.44 -13.42 7.45
C ASP B 370 0.69 -11.97 7.83
N PHE B 371 -0.02 -11.48 8.84
CA PHE B 371 0.21 -10.14 9.37
C PHE B 371 1.47 -10.09 10.23
N LYS B 372 1.65 -11.09 11.10
CA LYS B 372 2.72 -11.02 12.09
C LYS B 372 4.10 -11.16 11.45
N THR B 373 4.23 -12.06 10.47
CA THR B 373 5.53 -12.41 9.92
C THR B 373 6.19 -11.25 9.18
N ARG B 374 5.44 -10.21 8.85
CA ARG B 374 5.99 -9.04 8.16
C ARG B 374 6.64 -8.03 9.10
N LEU B 375 6.56 -8.24 10.42
CA LEU B 375 6.86 -7.18 11.38
C LEU B 375 8.11 -7.45 12.20
N SER B 376 8.56 -8.69 12.28
CA SER B 376 9.79 -9.08 12.95
C SER B 376 9.92 -10.57 12.73
N HIS C 1 -5.93 6.28 -13.47
CA HIS C 1 -4.75 5.46 -13.85
C HIS C 1 -4.97 4.00 -13.44
N HIS C 2 -5.15 3.14 -14.44
CA HIS C 2 -5.37 1.70 -14.27
C HIS C 2 -6.73 1.34 -13.70
N HIS C 3 -7.65 2.30 -13.62
CA HIS C 3 -8.97 2.02 -13.09
C HIS C 3 -10.01 2.88 -13.80
N SER C 4 -9.88 3.01 -15.11
CA SER C 4 -10.73 3.91 -15.87
C SER C 4 -11.99 3.26 -16.43
N SER C 5 -12.09 1.93 -16.39
CA SER C 5 -13.05 1.24 -17.25
C SER C 5 -13.80 0.12 -16.51
N GLY C 6 -13.92 0.22 -15.19
CA GLY C 6 -14.68 -0.76 -14.44
C GLY C 6 -16.16 -0.69 -14.74
N LEU C 7 -16.80 -1.85 -14.74
CA LEU C 7 -18.22 -1.97 -15.07
C LEU C 7 -18.86 -3.02 -14.16
N VAL C 8 -20.14 -2.83 -13.87
CA VAL C 8 -20.91 -3.86 -13.19
C VAL C 8 -21.30 -4.94 -14.19
N HIS D 2 0.96 12.53 9.63
CA HIS D 2 2.13 11.73 9.94
C HIS D 2 3.26 12.07 8.96
N HIS D 3 4.50 11.84 9.39
CA HIS D 3 5.70 12.09 8.59
C HIS D 3 6.08 13.56 8.48
N SER D 4 5.65 14.40 9.43
CA SER D 4 5.90 15.84 9.32
C SER D 4 7.16 16.29 10.04
N SER D 5 7.82 15.42 10.80
CA SER D 5 8.83 15.86 11.75
C SER D 5 10.10 15.04 11.66
N GLY D 6 10.39 14.46 10.49
CA GLY D 6 11.60 13.69 10.33
C GLY D 6 12.84 14.55 10.36
N LEU D 7 13.92 13.97 10.87
CA LEU D 7 15.19 14.65 11.02
C LEU D 7 16.34 13.69 10.72
N VAL D 8 17.44 14.24 10.21
CA VAL D 8 18.66 13.46 10.03
C VAL D 8 19.40 13.33 11.36
#